data_7YOW
#
_entry.id   7YOW
#
_cell.length_a   93.550
_cell.length_b   115.682
_cell.length_c   99.487
_cell.angle_alpha   90.00
_cell.angle_beta   105.89
_cell.angle_gamma   90.00
#
_symmetry.space_group_name_H-M   'P 1 21 1'
#
loop_
_entity.id
_entity.type
_entity.pdbx_description
1 polymer 'Fab Light chain'
2 polymer 'Fab Heavy chain'
3 polymer 'Spike protein S1'
4 non-polymer 'SULFATE ION'
#
loop_
_entity_poly.entity_id
_entity_poly.type
_entity_poly.pdbx_seq_one_letter_code
_entity_poly.pdbx_strand_id
1 'polypeptide(L)'
;AIQLTQSPSSLSASVGDRVTITCRASQGISSHLAWYQQKPGKAPKLLIFAASTLQSGVPSRFSGSGSGTDFTLTISSLQP
EDFATYYCQHLNSNPPITFGQGTRLEIKRTVAAPSVFIFPPSDEQLKSGTASVVCLLNNFYPREAKVQWKVDNALQSGNS
QESVTEQDSKDSTYSLSSTLTLSKADYEKHKVYACEVTHQGLSSPVTKSFNRGEC
;
L,A
2 'polypeptide(L)'
;EVQLVESGGGLIQPGGSLRLSCAASGFIVSRNYMNWVRQAPGKGLEWVALIYSGGSTFYADSVKGRFTISRDNSKNTLYL
QMNSLRAEDTAVYYCARDLVVYGLDYWGQGTLVTVSSASTKGPSVFPLAPSSKSTSGGTAALGCLVKDYFPEPVTVSWNS
GALTSGVHTFPAVLQSSGLYSLSSVVTVPSSSLGTQTYICNVNHKPSNTKVDKRVEPKSCDKTGHHHHHH
;
H,B
3 'polypeptide(L)'
;QPTESIVRFPNITNLCPFDEVFNATRFASVYAWNRKRISNCVADYSVLYNLAPFFTFKCYGVSPTKLNDLCFTNVYADSF
VIRGDEVRQIAPGQTGNIADYNYKLPDDFTGCVIAWNSNKLDSKVSGNYNYLYRLFRKSNLKPFERDISTEIYQAGNKPC
NGVAGFNCYFPLRSYSFRPTYGVGHQPYRVVVLSFELLHAPATVCGPKKSTNLVKNTGHHHHHH
;
R,C
#
loop_
_chem_comp.id
_chem_comp.type
_chem_comp.name
_chem_comp.formula
SO4 non-polymer 'SULFATE ION' 'O4 S -2'
#
# COMPACT_ATOMS: atom_id res chain seq x y z
N ALA A 1 32.50 2.21 14.58
CA ALA A 1 32.85 3.23 15.57
C ALA A 1 33.02 2.63 16.96
N ILE A 2 32.57 3.37 17.98
CA ILE A 2 32.68 2.87 19.35
C ILE A 2 31.87 1.57 19.47
N GLN A 3 32.27 0.74 20.42
CA GLN A 3 31.57 -0.51 20.64
C GLN A 3 31.18 -0.63 22.10
N LEU A 4 29.94 -1.04 22.33
CA LEU A 4 29.41 -1.24 23.66
C LEU A 4 29.02 -2.71 23.84
N THR A 5 29.49 -3.32 24.93
CA THR A 5 29.18 -4.70 25.26
C THR A 5 28.72 -4.78 26.71
N GLN A 6 27.60 -5.46 26.94
CA GLN A 6 27.07 -5.63 28.28
C GLN A 6 27.38 -7.03 28.79
N SER A 7 27.64 -7.13 30.09
CA SER A 7 27.77 -8.43 30.75
C SER A 7 27.06 -8.36 32.09
N PRO A 8 26.30 -9.41 32.45
CA PRO A 8 26.11 -10.60 31.63
C PRO A 8 25.00 -10.43 30.60
N SER A 9 24.89 -11.37 29.67
CA SER A 9 23.76 -11.34 28.74
C SER A 9 22.47 -11.71 29.46
N SER A 10 22.48 -12.80 30.22
CA SER A 10 21.31 -13.23 30.97
C SER A 10 21.63 -13.16 32.46
N LEU A 11 20.57 -13.10 33.27
CA LEU A 11 20.75 -12.89 34.69
C LEU A 11 19.48 -13.21 35.47
N SER A 12 19.60 -14.10 36.46
CA SER A 12 18.50 -14.45 37.34
C SER A 12 18.85 -14.01 38.76
N ALA A 13 17.86 -13.44 39.45
CA ALA A 13 18.12 -12.89 40.78
C ALA A 13 16.83 -12.82 41.56
N SER A 14 16.96 -12.94 42.88
CA SER A 14 15.83 -13.09 43.80
C SER A 14 15.41 -11.76 44.37
N VAL A 15 14.10 -11.62 44.65
CA VAL A 15 13.55 -10.33 45.04
C VAL A 15 14.29 -9.76 46.25
N GLY A 16 14.63 -8.47 46.16
CA GLY A 16 15.40 -7.80 47.19
C GLY A 16 16.90 -7.86 47.01
N ASP A 17 17.40 -8.74 46.13
CA ASP A 17 18.82 -8.84 45.87
C ASP A 17 19.36 -7.57 45.22
N ARG A 18 20.64 -7.30 45.48
CA ARG A 18 21.37 -6.22 44.80
C ARG A 18 21.96 -6.81 43.53
N VAL A 19 21.49 -6.34 42.38
CA VAL A 19 21.95 -6.84 41.08
C VAL A 19 22.80 -5.76 40.40
N THR A 20 23.87 -6.19 39.72
CA THR A 20 24.76 -5.26 39.01
C THR A 20 24.93 -5.76 37.57
N ILE A 21 24.49 -4.96 36.61
CA ILE A 21 24.79 -5.18 35.21
C ILE A 21 25.90 -4.20 34.83
N THR A 22 26.77 -4.61 33.89
CA THR A 22 27.90 -3.80 33.48
C THR A 22 27.91 -3.58 31.97
N CYS A 23 28.42 -2.41 31.60
CA CYS A 23 28.53 -1.94 30.21
C CYS A 23 29.97 -1.49 29.99
N ARG A 24 30.65 -2.10 29.03
CA ARG A 24 32.06 -1.83 28.73
C ARG A 24 32.17 -1.20 27.35
N ALA A 25 32.89 -0.08 27.28
CA ALA A 25 33.11 0.66 26.05
C ALA A 25 34.53 0.43 25.54
N SER A 26 34.67 0.26 24.22
CA SER A 26 35.99 0.12 23.62
C SER A 26 36.68 1.46 23.40
N GLN A 27 36.26 2.50 24.12
CA GLN A 27 36.89 3.82 24.08
C GLN A 27 36.41 4.62 25.29
N GLY A 28 37.34 5.27 25.97
CA GLY A 28 36.96 6.08 27.11
C GLY A 28 36.12 7.27 26.72
N ILE A 29 34.85 7.25 27.12
CA ILE A 29 33.92 8.34 26.89
C ILE A 29 33.45 8.79 28.25
N SER A 30 33.62 10.09 28.54
CA SER A 30 33.74 10.51 29.93
C SER A 30 32.60 10.06 30.81
N SER A 31 31.40 10.60 30.59
CA SER A 31 30.22 10.15 31.29
C SER A 31 29.00 10.19 30.38
N HIS A 32 29.23 10.05 29.07
CA HIS A 32 28.16 10.14 28.07
C HIS A 32 27.57 8.75 27.87
N LEU A 33 26.70 8.36 28.80
CA LEU A 33 26.11 7.03 28.77
C LEU A 33 24.76 7.06 29.47
N ALA A 34 23.77 6.40 28.86
CA ALA A 34 22.43 6.27 29.40
C ALA A 34 22.08 4.79 29.55
N TRP A 35 21.29 4.50 30.59
CA TRP A 35 20.75 3.17 30.84
C TRP A 35 19.26 3.18 30.57
N TYR A 36 18.79 2.18 29.81
CA TYR A 36 17.39 2.05 29.43
C TYR A 36 16.81 0.72 29.88
N GLN A 37 15.57 0.75 30.37
CA GLN A 37 14.81 -0.44 30.74
C GLN A 37 13.71 -0.68 29.71
N GLN A 38 13.56 -1.94 29.29
CA GLN A 38 12.53 -2.31 28.32
C GLN A 38 11.79 -3.53 28.84
N LYS A 39 10.61 -3.31 29.41
CA LYS A 39 9.71 -4.40 29.71
C LYS A 39 9.14 -4.97 28.41
N PRO A 40 8.76 -6.26 28.41
CA PRO A 40 8.38 -6.89 27.14
C PRO A 40 7.17 -6.22 26.53
N GLY A 41 7.16 -6.14 25.20
CA GLY A 41 6.10 -5.47 24.48
C GLY A 41 5.87 -4.05 24.96
N LYS A 42 6.86 -3.19 24.75
CA LYS A 42 6.85 -1.84 25.28
C LYS A 42 8.07 -1.16 24.68
N ALA A 43 8.00 0.16 24.57
CA ALA A 43 9.19 0.91 24.23
C ALA A 43 10.14 0.93 25.43
N PRO A 44 11.42 1.19 25.20
CA PRO A 44 12.34 1.33 26.33
C PRO A 44 12.08 2.62 27.11
N LYS A 45 12.50 2.60 28.37
CA LYS A 45 12.29 3.71 29.29
C LYS A 45 13.65 4.18 29.74
N LEU A 46 13.88 5.48 29.66
CA LEU A 46 15.14 6.02 30.11
C LEU A 46 15.17 6.05 31.63
N LEU A 47 16.22 5.45 32.18
CA LEU A 47 16.41 5.42 33.63
C LEU A 47 17.51 6.36 34.10
N ILE A 48 18.64 6.38 33.39
CA ILE A 48 19.83 7.05 33.87
C ILE A 48 20.53 7.65 32.65
N PHE A 49 21.01 8.88 32.81
CA PHE A 49 21.82 9.59 31.81
C PHE A 49 22.95 10.33 32.52
N ALA A 50 23.93 10.77 31.75
CA ALA A 50 25.18 11.27 32.33
C ALA A 50 25.87 10.19 33.15
N ALA A 51 25.48 8.94 32.94
CA ALA A 51 26.09 7.72 33.47
C ALA A 51 25.83 7.54 34.97
N SER A 52 25.33 8.57 35.65
CA SER A 52 25.08 8.46 37.09
C SER A 52 23.81 9.14 37.56
N THR A 53 23.26 10.11 36.84
CA THR A 53 22.15 10.89 37.34
C THR A 53 20.83 10.22 37.00
N LEU A 54 19.86 10.39 37.88
CA LEU A 54 18.60 9.66 37.79
C LEU A 54 17.57 10.50 37.05
N GLN A 55 16.98 9.91 36.01
CA GLN A 55 15.91 10.55 35.27
C GLN A 55 14.72 10.76 36.20
N SER A 56 13.87 11.71 35.84
CA SER A 56 12.68 12.00 36.63
C SER A 56 11.61 10.92 36.41
N GLY A 57 10.92 10.56 37.49
CA GLY A 57 9.90 9.52 37.43
C GLY A 57 10.41 8.11 37.59
N VAL A 58 11.66 7.93 38.03
CA VAL A 58 12.27 6.60 38.09
C VAL A 58 12.51 6.23 39.54
N PRO A 59 12.27 4.98 39.92
CA PRO A 59 12.56 4.54 41.30
C PRO A 59 14.00 4.71 41.70
N SER A 60 14.19 5.04 42.98
CA SER A 60 15.50 5.40 43.49
C SER A 60 16.43 4.20 43.74
N ARG A 61 15.93 2.96 43.63
CA ARG A 61 16.79 1.80 43.81
C ARG A 61 17.67 1.53 42.60
N PHE A 62 17.83 2.53 41.73
CA PHE A 62 18.63 2.40 40.52
C PHE A 62 19.90 3.23 40.65
N SER A 63 21.03 2.57 40.81
CA SER A 63 22.32 3.24 40.94
C SER A 63 22.90 3.40 39.54
N GLY A 64 22.97 4.65 39.09
CA GLY A 64 23.83 5.00 37.97
C GLY A 64 25.26 5.10 38.44
N SER A 65 26.09 4.15 38.03
CA SER A 65 27.48 4.10 38.47
C SER A 65 28.35 3.81 37.25
N GLY A 66 29.66 3.76 37.48
CA GLY A 66 30.63 3.69 36.41
C GLY A 66 31.09 5.08 35.98
N SER A 67 32.25 5.11 35.30
CA SER A 67 32.75 6.30 34.61
C SER A 67 34.01 5.97 33.81
N GLY A 68 34.29 6.76 32.78
CA GLY A 68 35.43 6.41 31.95
C GLY A 68 35.10 5.45 30.84
N THR A 69 35.36 4.15 31.04
CA THR A 69 35.08 3.15 30.01
C THR A 69 34.35 1.93 30.56
N ASP A 70 34.12 1.85 31.87
CA ASP A 70 33.37 0.75 32.47
C ASP A 70 32.32 1.31 33.43
N PHE A 71 31.08 0.86 33.25
CA PHE A 71 29.95 1.35 34.01
C PHE A 71 29.09 0.18 34.45
N THR A 72 28.36 0.40 35.55
CA THR A 72 27.43 -0.60 36.06
C THR A 72 26.10 0.05 36.41
N LEU A 73 25.02 -0.61 35.97
CA LEU A 73 23.71 -0.36 36.54
C LEU A 73 23.56 -1.28 37.74
N THR A 74 23.27 -0.71 38.89
CA THR A 74 23.04 -1.47 40.11
C THR A 74 21.63 -1.16 40.59
N ILE A 75 20.78 -2.17 40.54
CA ILE A 75 19.49 -2.14 41.21
C ILE A 75 19.66 -2.87 42.54
N SER A 76 19.25 -2.21 43.62
CA SER A 76 19.58 -2.66 44.97
C SER A 76 18.48 -3.51 45.60
N SER A 77 17.28 -2.95 45.75
CA SER A 77 16.16 -3.64 46.38
C SER A 77 15.30 -4.22 45.27
N LEU A 78 15.78 -5.32 44.69
CA LEU A 78 15.15 -5.88 43.49
C LEU A 78 13.65 -6.13 43.72
N GLN A 79 12.88 -6.02 42.65
CA GLN A 79 11.43 -6.02 42.72
C GLN A 79 10.85 -6.88 41.60
N PRO A 80 9.67 -7.47 41.80
CA PRO A 80 9.10 -8.35 40.76
C PRO A 80 8.87 -7.65 39.42
N GLU A 81 8.41 -6.40 39.44
CA GLU A 81 8.12 -5.66 38.21
C GLU A 81 9.38 -5.32 37.42
N ASP A 82 10.52 -5.35 38.07
CA ASP A 82 11.77 -4.94 37.45
C ASP A 82 12.34 -6.02 36.54
N PHE A 83 11.51 -6.97 36.14
CA PHE A 83 11.87 -7.90 35.09
C PHE A 83 11.74 -7.18 33.76
N ALA A 84 12.85 -7.12 33.02
CA ALA A 84 12.92 -6.39 31.75
C ALA A 84 14.23 -6.75 31.07
N THR A 85 14.49 -6.09 29.96
CA THR A 85 15.77 -6.15 29.26
C THR A 85 16.44 -4.78 29.39
N TYR A 86 17.71 -4.77 29.81
CA TYR A 86 18.39 -3.55 30.18
C TYR A 86 19.44 -3.20 29.14
N TYR A 87 19.37 -1.97 28.63
CA TYR A 87 20.23 -1.47 27.56
C TYR A 87 21.03 -0.26 28.01
N CYS A 88 22.26 -0.17 27.54
CA CYS A 88 23.06 1.02 27.71
C CYS A 88 23.28 1.70 26.36
N GLN A 89 23.51 3.02 26.40
CA GLN A 89 23.63 3.83 25.19
C GLN A 89 24.78 4.82 25.28
N HIS A 90 25.49 5.01 24.17
CA HIS A 90 26.44 6.12 24.03
C HIS A 90 25.73 7.45 23.77
N LEU A 91 25.69 8.33 24.76
CA LEU A 91 25.13 9.68 24.58
C LEU A 91 26.14 10.57 23.87
N ASN A 92 26.25 10.36 22.56
CA ASN A 92 27.27 11.04 21.77
C ASN A 92 26.68 12.27 21.09
N SER A 93 27.52 13.29 20.92
CA SER A 93 27.07 14.53 20.29
C SER A 93 27.00 14.43 18.77
N ASN A 94 27.64 13.41 18.17
CA ASN A 94 27.71 13.14 16.74
C ASN A 94 26.96 11.85 16.41
N PRO A 95 26.37 11.77 15.21
CA PRO A 95 25.13 11.00 14.99
C PRO A 95 25.15 9.55 15.43
N PRO A 96 26.09 8.71 14.99
CA PRO A 96 25.83 7.26 15.01
C PRO A 96 25.76 6.68 16.42
N ILE A 97 24.59 6.78 17.10
CA ILE A 97 24.45 6.36 18.50
C ILE A 97 24.34 4.83 18.59
N THR A 98 24.95 4.25 19.63
CA THR A 98 25.05 2.80 19.76
C THR A 98 24.56 2.33 21.12
N PHE A 99 23.82 1.22 21.12
CA PHE A 99 23.38 0.58 22.34
C PHE A 99 24.11 -0.72 22.56
N GLY A 100 24.20 -1.14 23.83
CA GLY A 100 24.62 -2.50 24.13
C GLY A 100 23.65 -3.55 23.62
N GLN A 101 24.10 -4.79 23.59
CA GLN A 101 23.19 -5.83 23.13
C GLN A 101 22.13 -6.16 24.19
N GLY A 102 22.26 -5.66 25.41
CA GLY A 102 21.22 -5.79 26.38
C GLY A 102 21.44 -6.95 27.33
N THR A 103 20.80 -6.84 28.51
CA THR A 103 20.77 -7.91 29.50
C THR A 103 19.33 -8.26 29.85
N ARG A 104 19.00 -9.55 29.80
CA ARG A 104 17.70 -10.06 30.20
C ARG A 104 17.76 -10.40 31.67
N LEU A 105 16.88 -9.81 32.47
CA LEU A 105 16.88 -9.97 33.92
C LEU A 105 15.66 -10.79 34.32
N GLU A 106 15.89 -12.01 34.81
CA GLU A 106 14.82 -12.91 35.22
C GLU A 106 14.73 -13.01 36.75
N ILE A 107 13.52 -12.90 37.27
CA ILE A 107 13.31 -12.95 38.71
C ILE A 107 13.31 -14.41 39.18
N LYS A 108 13.95 -14.68 40.30
CA LYS A 108 13.87 -15.97 40.96
C LYS A 108 12.84 -15.91 42.09
N ARG A 109 12.08 -17.00 42.23
CA ARG A 109 11.05 -17.11 43.25
C ARG A 109 10.99 -18.56 43.70
N THR A 110 10.00 -18.88 44.51
CA THR A 110 9.83 -20.22 45.05
C THR A 110 8.97 -21.04 44.12
N VAL A 111 9.20 -22.36 44.13
CA VAL A 111 8.53 -23.28 43.22
C VAL A 111 7.02 -23.14 43.36
N ALA A 112 6.34 -23.00 42.22
CA ALA A 112 4.88 -22.96 42.17
C ALA A 112 4.46 -23.83 41.01
N ALA A 113 3.61 -24.88 41.28
CA ALA A 113 3.20 -25.85 40.27
C ALA A 113 1.95 -25.38 39.53
N PRO A 114 1.75 -25.84 38.28
CA PRO A 114 0.74 -25.21 37.43
C PRO A 114 -0.66 -25.77 37.58
N SER A 115 -1.64 -24.87 37.64
CA SER A 115 -2.99 -25.28 37.31
C SER A 115 -3.03 -25.82 35.89
N VAL A 116 -3.59 -27.01 35.71
CA VAL A 116 -3.67 -27.65 34.40
C VAL A 116 -5.12 -27.69 33.92
N PHE A 117 -5.29 -27.48 32.62
CA PHE A 117 -6.61 -27.39 32.00
C PHE A 117 -6.50 -27.97 30.61
N ILE A 118 -7.61 -28.41 30.05
CA ILE A 118 -7.54 -29.03 28.73
C ILE A 118 -8.85 -28.79 28.00
N PHE A 119 -8.75 -28.40 26.73
CA PHE A 119 -9.87 -27.81 26.00
C PHE A 119 -10.03 -28.54 24.67
N PRO A 120 -10.94 -29.49 24.59
CA PRO A 120 -11.22 -30.16 23.32
C PRO A 120 -11.63 -29.15 22.27
N PRO A 121 -11.48 -29.49 20.98
CA PRO A 121 -11.80 -28.54 19.92
C PRO A 121 -13.24 -28.08 19.98
N SER A 122 -13.59 -27.16 19.09
CA SER A 122 -14.96 -26.72 18.95
C SER A 122 -15.58 -27.39 17.74
N ASP A 123 -16.85 -27.79 17.89
CA ASP A 123 -17.62 -28.23 16.72
C ASP A 123 -17.47 -27.21 15.60
N GLU A 124 -17.53 -25.92 15.96
CA GLU A 124 -17.13 -24.82 15.10
C GLU A 124 -15.89 -25.17 14.32
N GLN A 125 -14.80 -25.49 15.03
CA GLN A 125 -13.55 -25.80 14.34
C GLN A 125 -13.64 -27.11 13.56
N LEU A 126 -14.31 -28.11 14.14
CA LEU A 126 -14.39 -29.40 13.47
C LEU A 126 -15.07 -29.25 12.12
N LYS A 127 -16.13 -28.42 12.05
CA LYS A 127 -16.80 -28.16 10.80
C LYS A 127 -15.85 -27.63 9.73
N SER A 128 -14.64 -27.19 10.09
CA SER A 128 -13.67 -26.67 9.13
C SER A 128 -12.93 -27.80 8.42
N GLY A 129 -12.35 -28.72 9.18
CA GLY A 129 -11.54 -29.77 8.60
C GLY A 129 -10.36 -30.23 9.42
N THR A 130 -9.90 -29.40 10.37
CA THR A 130 -8.92 -29.84 11.36
C THR A 130 -9.49 -29.64 12.75
N ALA A 131 -8.85 -30.27 13.73
CA ALA A 131 -9.20 -30.09 15.13
C ALA A 131 -7.93 -29.72 15.89
N SER A 132 -8.12 -29.10 17.06
CA SER A 132 -7.01 -28.52 17.80
C SER A 132 -7.30 -28.70 19.28
N VAL A 133 -6.66 -29.68 19.87
CA VAL A 133 -6.71 -29.83 21.32
C VAL A 133 -5.72 -28.87 21.94
N VAL A 134 -5.97 -28.44 23.18
CA VAL A 134 -5.16 -27.40 23.80
C VAL A 134 -4.99 -27.71 25.28
N CYS A 135 -3.78 -28.00 25.70
CA CYS A 135 -3.48 -28.04 27.13
C CYS A 135 -2.93 -26.70 27.61
N LEU A 136 -3.02 -26.45 28.91
CA LEU A 136 -2.65 -25.17 29.48
C LEU A 136 -2.09 -25.34 30.88
N LEU A 137 -0.92 -24.75 31.12
CA LEU A 137 -0.29 -24.76 32.44
C LEU A 137 -0.24 -23.33 32.94
N ASN A 138 -0.93 -23.05 34.04
CA ASN A 138 -1.15 -21.69 34.46
C ASN A 138 -0.33 -21.35 35.71
N ASN A 139 0.43 -20.26 35.62
CA ASN A 139 1.03 -19.57 36.77
C ASN A 139 1.90 -20.51 37.61
N PHE A 140 3.02 -20.88 37.00
CA PHE A 140 4.04 -21.71 37.63
C PHE A 140 5.42 -21.06 37.56
N TYR A 141 6.36 -21.72 38.26
CA TYR A 141 7.78 -21.41 38.28
C TYR A 141 8.47 -22.68 38.77
N PRO A 142 9.58 -23.12 38.16
CA PRO A 142 10.24 -22.46 37.02
C PRO A 142 9.73 -22.84 35.64
N ARG A 143 10.21 -22.11 34.64
CA ARG A 143 9.86 -22.30 33.24
C ARG A 143 9.85 -23.77 32.85
N GLU A 144 10.82 -24.52 33.37
CA GLU A 144 11.13 -25.85 32.85
C GLU A 144 9.99 -26.83 33.17
N ALA A 145 9.21 -27.21 32.17
CA ALA A 145 8.10 -28.12 32.39
C ALA A 145 7.89 -29.00 31.17
N LYS A 146 7.61 -30.27 31.43
CA LYS A 146 7.40 -31.27 30.40
C LYS A 146 5.91 -31.49 30.18
N VAL A 147 5.47 -31.40 28.93
CA VAL A 147 4.08 -31.61 28.55
C VAL A 147 4.04 -32.72 27.53
N GLN A 148 3.35 -33.80 27.84
CA GLN A 148 3.29 -34.99 26.99
C GLN A 148 1.86 -35.24 26.57
N TRP A 149 1.57 -35.12 25.27
CA TRP A 149 0.26 -35.49 24.77
C TRP A 149 0.21 -37.00 24.59
N LYS A 150 -0.93 -37.58 24.97
CA LYS A 150 -1.23 -39.01 24.83
C LYS A 150 -2.64 -39.19 24.28
N VAL A 151 -2.79 -40.09 23.31
CA VAL A 151 -4.01 -40.22 22.53
C VAL A 151 -4.36 -41.70 22.49
N ASP A 152 -5.24 -42.13 23.39
CA ASP A 152 -5.46 -43.54 23.72
C ASP A 152 -4.19 -44.13 24.31
N ASN A 153 -3.57 -43.37 25.21
CA ASN A 153 -2.31 -43.67 25.88
C ASN A 153 -1.10 -43.84 24.95
N ALA A 154 -1.27 -43.58 23.65
CA ALA A 154 -0.15 -43.54 22.71
C ALA A 154 0.41 -42.13 22.67
N LEU A 155 1.73 -42.00 22.80
CA LEU A 155 2.36 -40.69 22.83
C LEU A 155 2.43 -40.10 21.43
N GLN A 156 2.19 -38.79 21.33
CA GLN A 156 2.25 -38.06 20.07
C GLN A 156 3.44 -37.12 20.05
N SER A 157 4.15 -37.09 18.91
CA SER A 157 5.23 -36.14 18.71
C SER A 157 5.07 -35.47 17.35
N GLY A 158 5.58 -34.24 17.25
CA GLY A 158 5.61 -33.51 16.01
C GLY A 158 4.44 -32.59 15.74
N ASN A 159 3.22 -33.05 16.02
CA ASN A 159 2.03 -32.21 15.87
C ASN A 159 1.80 -31.27 17.06
N SER A 160 2.42 -31.52 18.21
CA SER A 160 2.40 -30.58 19.33
C SER A 160 3.15 -29.28 18.99
N GLN A 161 2.81 -28.21 19.71
CA GLN A 161 3.46 -26.91 19.51
C GLN A 161 3.26 -26.06 20.77
N GLU A 162 4.31 -25.95 21.61
CA GLU A 162 4.20 -25.23 22.89
C GLU A 162 4.37 -23.71 22.70
N SER A 163 4.13 -22.96 23.78
CA SER A 163 4.23 -21.51 23.77
C SER A 163 4.15 -20.92 25.18
N VAL A 164 5.01 -19.97 25.54
CA VAL A 164 5.18 -19.54 26.93
C VAL A 164 4.98 -18.04 27.04
N THR A 165 4.54 -17.60 28.21
CA THR A 165 4.38 -16.18 28.44
C THR A 165 5.67 -15.57 28.94
N GLU A 166 5.68 -14.25 28.99
CA GLU A 166 6.73 -13.53 29.68
C GLU A 166 6.48 -13.62 31.18
N GLN A 167 7.57 -13.73 31.95
CA GLN A 167 7.47 -13.74 33.40
C GLN A 167 6.57 -12.60 33.89
N ASP A 168 5.66 -12.90 34.82
CA ASP A 168 4.63 -11.93 35.17
C ASP A 168 5.21 -10.74 35.96
N SER A 169 4.74 -9.54 35.62
CA SER A 169 5.20 -8.33 36.31
C SER A 169 4.83 -8.33 37.79
N LYS A 170 3.71 -8.98 38.15
CA LYS A 170 3.15 -8.94 39.49
C LYS A 170 3.65 -10.07 40.40
N ASP A 171 3.81 -11.28 39.85
CA ASP A 171 4.11 -12.45 40.65
C ASP A 171 5.27 -13.27 40.11
N SER A 172 5.76 -12.96 38.90
CA SER A 172 6.91 -13.63 38.31
C SER A 172 6.68 -15.12 38.10
N THR A 173 5.61 -15.42 37.36
CA THR A 173 5.23 -16.79 37.03
C THR A 173 5.00 -16.92 35.53
N TYR A 174 5.42 -18.04 34.96
CA TYR A 174 5.18 -18.33 33.56
C TYR A 174 3.88 -19.13 33.39
N SER A 175 3.36 -19.13 32.15
CA SER A 175 2.20 -19.93 31.79
C SER A 175 2.45 -20.51 30.40
N LEU A 176 2.08 -21.77 30.20
CA LEU A 176 2.43 -22.51 28.99
C LEU A 176 1.18 -22.97 28.25
N SER A 177 1.29 -23.13 26.93
CA SER A 177 0.18 -23.50 26.07
C SER A 177 0.66 -24.50 25.04
N SER A 178 0.23 -25.76 25.15
CA SER A 178 0.50 -26.75 24.12
C SER A 178 -0.70 -26.91 23.19
N THR A 179 -0.45 -27.28 21.93
CA THR A 179 -1.53 -27.35 20.95
C THR A 179 -1.29 -28.51 20.01
N LEU A 180 -2.04 -29.58 20.22
CA LEU A 180 -2.05 -30.76 19.37
C LEU A 180 -2.95 -30.50 18.17
N THR A 181 -2.41 -30.64 16.95
CA THR A 181 -3.20 -30.32 15.77
C THR A 181 -3.27 -31.54 14.86
N LEU A 182 -4.47 -32.08 14.70
CA LEU A 182 -4.73 -33.25 13.89
C LEU A 182 -5.86 -32.95 12.93
N SER A 183 -5.80 -33.57 11.74
CA SER A 183 -6.94 -33.52 10.82
C SER A 183 -8.13 -34.24 11.44
N LYS A 184 -9.33 -33.92 10.94
CA LYS A 184 -10.54 -34.54 11.51
C LYS A 184 -10.56 -36.04 11.26
N ALA A 185 -9.87 -36.50 10.22
CA ALA A 185 -9.68 -37.92 9.99
C ALA A 185 -8.96 -38.55 11.16
N ASP A 186 -7.67 -38.21 11.34
CA ASP A 186 -6.88 -38.71 12.45
C ASP A 186 -7.54 -38.42 13.81
N TYR A 187 -8.43 -37.42 13.87
CA TYR A 187 -9.06 -37.06 15.14
C TYR A 187 -10.05 -38.12 15.57
N GLU A 188 -10.95 -38.51 14.65
CA GLU A 188 -11.98 -39.46 15.02
C GLU A 188 -11.43 -40.88 15.14
N LYS A 189 -10.25 -41.15 14.59
CA LYS A 189 -9.64 -42.44 14.82
C LYS A 189 -9.25 -42.71 16.34
N HIS A 190 -9.59 -41.88 17.34
CA HIS A 190 -9.18 -42.15 18.71
C HIS A 190 -10.23 -41.59 19.66
N LYS A 191 -10.24 -42.10 20.90
CA LYS A 191 -11.28 -41.74 21.86
C LYS A 191 -10.78 -40.88 23.03
N VAL A 192 -9.66 -41.25 23.65
CA VAL A 192 -9.15 -40.56 24.83
C VAL A 192 -8.05 -39.58 24.42
N TYR A 193 -8.17 -38.32 24.83
CA TYR A 193 -7.17 -37.29 24.57
C TYR A 193 -6.66 -36.74 25.91
N ALA A 194 -5.43 -37.11 26.28
CA ALA A 194 -4.88 -36.72 27.57
C ALA A 194 -3.67 -35.81 27.40
N CYS A 195 -3.35 -35.10 28.47
CA CYS A 195 -2.24 -34.16 28.51
C CYS A 195 -1.55 -34.36 29.86
N GLU A 196 -0.30 -34.81 29.83
CA GLU A 196 0.41 -35.19 31.05
C GLU A 196 1.53 -34.20 31.34
N VAL A 197 1.41 -33.47 32.46
CA VAL A 197 2.32 -32.42 32.86
C VAL A 197 3.30 -32.97 33.90
N THR A 198 4.60 -32.91 33.60
CA THR A 198 5.64 -33.23 34.56
C THR A 198 6.26 -31.93 34.98
N HIS A 199 6.20 -31.61 36.25
CA HIS A 199 6.87 -30.40 36.70
C HIS A 199 7.52 -30.61 38.06
N GLN A 200 8.51 -29.77 38.35
CA GLN A 200 9.24 -29.87 39.60
C GLN A 200 8.37 -29.54 40.78
N GLY A 201 7.44 -28.61 40.59
CA GLY A 201 6.48 -28.30 41.63
C GLY A 201 5.39 -29.32 41.83
N LEU A 202 5.32 -30.36 40.99
CA LEU A 202 4.39 -31.46 41.14
C LEU A 202 5.15 -32.70 41.56
N SER A 203 4.65 -33.36 42.60
CA SER A 203 5.33 -34.55 43.08
C SER A 203 5.06 -35.75 42.17
N SER A 204 3.97 -35.71 41.40
CA SER A 204 3.58 -36.81 40.52
C SER A 204 2.95 -36.22 39.26
N PRO A 205 3.35 -36.66 38.07
CA PRO A 205 2.86 -36.03 36.84
C PRO A 205 1.34 -35.99 36.78
N VAL A 206 0.78 -34.79 36.83
CA VAL A 206 -0.66 -34.56 36.69
C VAL A 206 -1.13 -34.88 35.28
N THR A 207 -2.33 -35.44 35.16
CA THR A 207 -2.95 -35.62 33.85
C THR A 207 -4.34 -34.99 33.83
N LYS A 208 -4.72 -34.45 32.67
CA LYS A 208 -6.04 -33.89 32.47
C LYS A 208 -6.51 -34.32 31.09
N SER A 209 -7.64 -35.02 31.02
CA SER A 209 -8.06 -35.68 29.80
C SER A 209 -9.56 -35.52 29.61
N PHE A 210 -10.00 -35.83 28.39
CA PHE A 210 -11.41 -35.87 28.04
C PHE A 210 -11.64 -37.06 27.12
N ASN A 211 -12.90 -37.27 26.72
CA ASN A 211 -13.28 -38.33 25.79
C ASN A 211 -13.95 -37.72 24.58
N ARG A 212 -13.57 -38.17 23.38
CA ARG A 212 -14.20 -37.63 22.19
C ARG A 212 -15.70 -37.86 22.24
N GLY A 213 -16.46 -36.83 21.90
CA GLY A 213 -17.92 -36.90 21.87
C GLY A 213 -18.53 -37.32 23.19
N GLU A 214 -18.28 -36.55 24.25
CA GLU A 214 -18.82 -36.84 25.55
C GLU A 214 -18.95 -35.55 26.34
N CYS A 215 -19.98 -35.50 27.20
CA CYS A 215 -20.28 -34.36 28.08
C CYS A 215 -20.59 -33.08 27.31
N VAL B 2 3.98 15.28 26.54
CA VAL B 2 3.40 14.18 27.31
C VAL B 2 3.45 12.90 26.50
N GLN B 3 3.37 12.98 25.16
CA GLN B 3 3.04 11.76 24.43
C GLN B 3 3.56 11.76 22.99
N LEU B 4 3.89 10.55 22.51
CA LEU B 4 4.37 10.29 21.15
C LEU B 4 3.70 9.06 20.61
N VAL B 5 2.90 9.19 19.54
CA VAL B 5 2.03 8.11 19.07
C VAL B 5 2.23 7.88 17.57
N GLU B 6 2.51 6.62 17.20
CA GLU B 6 2.96 6.27 15.86
C GLU B 6 2.03 5.27 15.21
N SER B 7 2.15 5.19 13.88
CA SER B 7 1.18 4.51 13.03
C SER B 7 1.74 4.43 11.61
N GLY B 8 1.46 3.32 10.93
CA GLY B 8 1.74 3.29 9.50
C GLY B 8 2.47 2.04 9.04
N GLY B 9 2.74 1.11 9.96
CA GLY B 9 3.43 -0.11 9.61
C GLY B 9 2.46 -1.23 9.28
N GLY B 10 3.01 -2.31 8.74
CA GLY B 10 2.21 -3.48 8.41
C GLY B 10 2.94 -4.37 7.42
N LEU B 11 2.17 -5.17 6.70
CA LEU B 11 2.77 -6.09 5.75
C LEU B 11 3.01 -5.37 4.43
N ILE B 12 4.11 -5.71 3.77
CA ILE B 12 4.42 -5.15 2.47
C ILE B 12 5.48 -6.03 1.81
N GLN B 13 5.35 -6.22 0.51
CA GLN B 13 6.22 -7.11 -0.23
C GLN B 13 7.66 -6.64 -0.12
N PRO B 14 8.62 -7.51 -0.45
CA PRO B 14 10.00 -7.05 -0.68
C PRO B 14 10.08 -6.15 -1.89
N GLY B 15 10.93 -5.14 -1.81
CA GLY B 15 11.00 -4.12 -2.83
C GLY B 15 9.92 -3.07 -2.74
N GLY B 16 8.85 -3.33 -2.00
CA GLY B 16 7.76 -2.40 -1.84
C GLY B 16 8.18 -1.17 -1.05
N SER B 17 7.17 -0.38 -0.69
CA SER B 17 7.42 0.88 -0.04
C SER B 17 6.35 1.13 1.00
N LEU B 18 6.72 1.93 2.00
CA LEU B 18 5.89 2.11 3.18
C LEU B 18 6.34 3.37 3.90
N ARG B 19 5.37 4.06 4.54
CA ARG B 19 5.66 5.33 5.19
C ARG B 19 5.07 5.35 6.60
N LEU B 20 5.95 5.29 7.60
CA LEU B 20 5.55 5.41 8.99
C LEU B 20 5.36 6.88 9.37
N SER B 21 4.61 7.11 10.44
CA SER B 21 4.34 8.47 10.87
C SER B 21 4.09 8.46 12.36
N CYS B 22 4.73 9.37 13.08
CA CYS B 22 4.65 9.42 14.53
C CYS B 22 4.34 10.86 14.95
N ALA B 23 3.27 11.04 15.73
CA ALA B 23 2.76 12.37 16.03
C ALA B 23 2.90 12.68 17.53
N ALA B 24 3.09 13.96 17.86
CA ALA B 24 3.67 14.34 19.12
C ALA B 24 2.73 15.19 19.98
N SER B 25 2.86 15.01 21.29
CA SER B 25 2.10 15.76 22.29
C SER B 25 3.05 16.24 23.37
N GLY B 26 3.09 17.56 23.57
CA GLY B 26 3.89 18.15 24.62
C GLY B 26 5.07 18.92 24.11
N PHE B 27 5.44 18.75 22.84
CA PHE B 27 6.62 19.37 22.29
C PHE B 27 6.51 19.42 20.77
N ILE B 28 7.07 20.47 20.19
CA ILE B 28 7.04 20.59 18.74
C ILE B 28 8.21 19.80 18.19
N VAL B 29 7.97 19.02 17.14
CA VAL B 29 9.09 18.28 16.57
C VAL B 29 10.02 19.19 15.80
N SER B 30 9.51 20.29 15.25
CA SER B 30 10.32 21.23 14.50
C SER B 30 11.38 21.89 15.38
N ARG B 31 11.36 21.62 16.68
CA ARG B 31 12.34 22.17 17.62
C ARG B 31 13.28 21.14 18.23
N ASN B 32 13.12 19.85 17.97
CA ASN B 32 13.87 18.80 18.69
C ASN B 32 14.59 17.85 17.75
N TYR B 33 15.66 17.27 18.25
CA TYR B 33 16.34 16.20 17.54
C TYR B 33 15.48 14.94 17.62
N MET B 34 15.07 14.39 16.48
CA MET B 34 14.19 13.23 16.51
C MET B 34 14.84 12.04 15.83
N ASN B 35 14.60 10.84 16.37
CA ASN B 35 15.23 9.61 15.92
C ASN B 35 14.21 8.53 15.60
N TRP B 36 14.59 7.66 14.69
CA TRP B 36 13.87 6.42 14.44
C TRP B 36 14.81 5.29 14.83
N VAL B 37 14.41 4.49 15.80
CA VAL B 37 15.18 3.33 16.23
C VAL B 37 14.34 2.09 15.96
N ARG B 38 14.95 1.05 15.41
CA ARG B 38 14.20 -0.17 15.14
C ARG B 38 14.73 -1.31 16.00
N GLN B 39 13.88 -2.31 16.20
CA GLN B 39 14.25 -3.51 16.95
C GLN B 39 13.74 -4.71 16.19
N ALA B 40 14.66 -5.51 15.63
CA ALA B 40 14.31 -6.76 15.00
C ALA B 40 13.64 -7.67 16.01
N PRO B 41 12.91 -8.69 15.56
CA PRO B 41 12.19 -9.56 16.51
C PRO B 41 13.15 -10.29 17.42
N GLY B 42 12.98 -10.10 18.74
CA GLY B 42 13.82 -10.70 19.76
C GLY B 42 15.30 -10.38 19.68
N LYS B 43 15.70 -9.43 18.84
CA LYS B 43 17.05 -8.90 18.76
C LYS B 43 17.15 -7.60 19.55
N GLY B 44 18.25 -6.90 19.39
CA GLY B 44 18.50 -5.69 20.14
C GLY B 44 18.01 -4.44 19.46
N LEU B 45 18.56 -3.30 19.89
CA LEU B 45 18.20 -1.99 19.38
C LEU B 45 19.17 -1.57 18.27
N GLU B 46 18.66 -0.84 17.28
CA GLU B 46 19.46 -0.44 16.14
C GLU B 46 18.99 0.94 15.71
N TRP B 47 19.90 1.92 15.75
CA TRP B 47 19.56 3.29 15.34
C TRP B 47 19.44 3.38 13.83
N VAL B 48 18.49 4.18 13.35
CA VAL B 48 18.12 4.14 11.94
C VAL B 48 18.19 5.48 11.23
N ALA B 49 17.67 6.54 11.86
CA ALA B 49 17.75 7.87 11.26
C ALA B 49 17.64 8.95 12.32
N LEU B 50 18.08 10.16 11.95
CA LEU B 50 18.10 11.31 12.84
C LEU B 50 17.83 12.57 12.05
N ILE B 51 16.98 13.44 12.58
CA ILE B 51 16.66 14.72 11.97
C ILE B 51 16.93 15.82 12.99
N TYR B 52 17.75 16.81 12.59
CA TYR B 52 18.08 17.95 13.43
C TYR B 52 16.95 18.95 13.38
N SER B 53 16.88 19.80 14.42
CA SER B 53 15.91 20.89 14.45
C SER B 53 16.01 21.76 13.20
N GLY B 54 17.24 21.94 12.69
CA GLY B 54 17.49 22.65 11.45
C GLY B 54 17.55 21.75 10.22
N GLY B 55 16.92 20.58 10.30
CA GLY B 55 16.64 19.77 9.13
C GLY B 55 17.74 18.87 8.61
N SER B 56 18.94 18.89 9.20
CA SER B 56 20.03 18.05 8.69
C SER B 56 19.79 16.60 9.08
N THR B 57 19.74 15.70 8.09
CA THR B 57 19.41 14.29 8.34
C THR B 57 20.65 13.39 8.28
N PHE B 58 20.60 12.31 9.06
CA PHE B 58 21.64 11.29 9.07
C PHE B 58 21.02 9.91 9.15
N TYR B 59 21.62 8.94 8.45
CA TYR B 59 21.08 7.58 8.40
C TYR B 59 22.15 6.56 8.73
N ALA B 60 21.70 5.45 9.33
CA ALA B 60 22.55 4.26 9.43
C ALA B 60 22.78 3.67 8.06
N ASP B 61 23.98 3.14 7.84
CA ASP B 61 24.33 2.68 6.50
C ASP B 61 23.35 1.63 5.99
N SER B 62 22.92 0.72 6.87
CA SER B 62 21.99 -0.34 6.50
C SER B 62 20.70 0.19 5.85
N VAL B 63 20.43 1.49 5.93
CA VAL B 63 19.21 2.05 5.37
C VAL B 63 19.47 3.26 4.49
N LYS B 64 20.74 3.64 4.29
CA LYS B 64 21.09 4.88 3.61
C LYS B 64 20.67 4.81 2.14
N GLY B 65 20.03 5.88 1.68
CA GLY B 65 19.58 5.96 0.29
C GLY B 65 18.25 5.30 -0.01
N ARG B 66 17.64 4.57 0.92
CA ARG B 66 16.31 3.99 0.77
C ARG B 66 15.28 4.61 1.70
N PHE B 67 15.65 4.91 2.93
CA PHE B 67 14.80 5.65 3.86
C PHE B 67 15.04 7.16 3.74
N THR B 68 14.00 7.93 4.05
CA THR B 68 14.07 9.40 4.10
C THR B 68 13.20 9.92 5.24
N ILE B 69 13.84 10.39 6.32
CA ILE B 69 13.11 10.85 7.51
C ILE B 69 12.68 12.30 7.30
N SER B 70 11.37 12.53 7.30
CA SER B 70 10.73 13.80 7.01
C SER B 70 10.11 14.37 8.28
N ARG B 71 9.39 15.48 8.14
CA ARG B 71 8.49 15.94 9.21
C ARG B 71 7.55 16.95 8.60
N ASP B 72 6.51 17.28 9.37
CA ASP B 72 5.53 18.30 8.99
C ASP B 72 5.28 19.21 10.18
N ASN B 73 5.84 20.43 10.10
CA ASN B 73 5.70 21.39 11.20
C ASN B 73 4.23 21.66 11.49
N SER B 74 3.40 21.69 10.45
CA SER B 74 1.97 22.00 10.63
C SER B 74 1.26 20.95 11.47
N LYS B 75 1.26 19.69 11.02
CA LYS B 75 0.64 18.59 11.77
C LYS B 75 1.38 18.23 13.05
N ASN B 76 2.57 18.82 13.31
CA ASN B 76 3.46 18.45 14.40
C ASN B 76 3.63 16.93 14.47
N THR B 77 4.27 16.41 13.41
CA THR B 77 4.39 14.99 13.17
C THR B 77 5.68 14.73 12.44
N LEU B 78 6.28 13.57 12.71
CA LEU B 78 7.51 13.13 12.09
C LEU B 78 7.22 11.88 11.26
N TYR B 79 7.87 11.77 10.10
CA TYR B 79 7.60 10.67 9.18
C TYR B 79 8.85 9.83 9.00
N LEU B 80 8.69 8.64 8.41
CA LEU B 80 9.85 7.86 7.96
C LEU B 80 9.44 7.10 6.70
N GLN B 81 9.77 7.66 5.54
CA GLN B 81 9.45 7.04 4.26
C GLN B 81 10.47 5.93 3.96
N MET B 82 9.98 4.73 3.62
CA MET B 82 10.84 3.57 3.42
C MET B 82 10.61 2.96 2.04
N ASN B 83 11.62 3.03 1.18
CA ASN B 83 11.56 2.47 -0.17
C ASN B 83 12.49 1.28 -0.29
N SER B 84 12.53 0.68 -1.49
CA SER B 84 13.47 -0.39 -1.83
C SER B 84 13.53 -1.42 -0.70
N LEU B 85 12.37 -1.70 -0.12
CA LEU B 85 12.29 -2.35 1.18
C LEU B 85 12.83 -3.77 1.11
N ARG B 86 14.05 -3.97 1.60
CA ARG B 86 14.59 -5.31 1.72
C ARG B 86 13.87 -6.06 2.83
N ALA B 87 14.10 -7.37 2.91
CA ALA B 87 13.36 -8.20 3.84
C ALA B 87 13.92 -8.11 5.26
N GLU B 88 15.22 -7.86 5.40
CA GLU B 88 15.84 -7.74 6.71
C GLU B 88 15.31 -6.57 7.52
N ASP B 89 14.55 -5.66 6.90
CA ASP B 89 14.03 -4.48 7.58
C ASP B 89 12.86 -4.80 8.51
N THR B 90 12.50 -6.07 8.65
CA THR B 90 11.35 -6.43 9.48
C THR B 90 11.68 -6.17 10.95
N ALA B 91 10.88 -5.33 11.59
CA ALA B 91 11.17 -4.96 12.96
C ALA B 91 10.04 -4.08 13.50
N VAL B 92 10.11 -3.84 14.79
CA VAL B 92 9.33 -2.79 15.40
C VAL B 92 10.08 -1.49 15.18
N TYR B 93 9.36 -0.44 14.80
CA TYR B 93 9.97 0.87 14.57
C TYR B 93 9.48 1.83 15.64
N TYR B 94 10.43 2.44 16.35
CA TYR B 94 10.14 3.42 17.39
C TYR B 94 10.62 4.80 16.96
N CYS B 95 9.77 5.81 17.13
CA CYS B 95 10.28 7.17 17.09
C CYS B 95 10.65 7.59 18.51
N ALA B 96 11.50 8.61 18.62
CA ALA B 96 11.93 9.05 19.94
C ALA B 96 12.39 10.50 19.91
N ARG B 97 12.07 11.24 20.96
CA ARG B 97 12.60 12.58 21.17
C ARG B 97 13.98 12.47 21.81
N ASP B 98 14.91 13.28 21.31
CA ASP B 98 16.31 13.20 21.70
C ASP B 98 16.73 14.52 22.34
N LEU B 99 17.34 14.44 23.51
CA LEU B 99 18.01 15.56 24.18
C LEU B 99 19.48 15.17 24.29
N VAL B 100 20.26 15.40 23.24
CA VAL B 100 21.40 14.54 22.92
C VAL B 100 22.19 14.09 24.13
N VAL B 101 22.61 15.04 24.96
CA VAL B 101 23.47 14.68 26.08
C VAL B 101 22.66 14.15 27.26
N TYR B 102 21.34 14.35 27.23
CA TYR B 102 20.43 13.90 28.29
C TYR B 102 19.63 12.66 27.93
N GLY B 103 19.91 12.02 26.80
CA GLY B 103 19.25 10.79 26.43
C GLY B 103 17.95 11.03 25.69
N LEU B 104 17.40 9.91 25.19
CA LEU B 104 16.09 9.86 24.55
C LEU B 104 15.06 9.65 25.66
N ASP B 105 14.34 10.71 26.02
CA ASP B 105 13.51 10.69 27.21
C ASP B 105 12.08 10.22 26.94
N TYR B 106 11.54 10.53 25.76
CA TYR B 106 10.21 10.10 25.37
C TYR B 106 10.31 9.20 24.14
N TRP B 107 9.51 8.13 24.12
CA TRP B 107 9.47 7.18 23.02
C TRP B 107 8.03 6.96 22.55
N GLY B 108 7.91 6.52 21.31
CA GLY B 108 6.64 6.04 20.82
C GLY B 108 6.30 4.69 21.41
N GLN B 109 5.26 4.06 20.88
CA GLN B 109 4.81 2.77 21.39
C GLN B 109 5.27 1.59 20.54
N GLY B 110 5.64 1.82 19.30
CA GLY B 110 5.98 0.73 18.42
C GLY B 110 5.04 0.64 17.23
N THR B 111 5.57 0.27 16.08
CA THR B 111 4.75 -0.18 14.96
C THR B 111 5.57 -1.26 14.26
N LEU B 112 4.90 -2.30 13.80
CA LEU B 112 5.59 -3.46 13.26
C LEU B 112 5.55 -3.39 11.74
N VAL B 113 6.69 -3.10 11.14
CA VAL B 113 6.84 -3.24 9.69
C VAL B 113 7.31 -4.64 9.42
N THR B 114 6.49 -5.41 8.70
CA THR B 114 6.79 -6.79 8.39
C THR B 114 6.79 -6.95 6.88
N VAL B 115 7.95 -7.28 6.32
CA VAL B 115 8.18 -7.23 4.87
C VAL B 115 8.39 -8.65 4.38
N SER B 116 7.30 -9.24 3.87
CA SER B 116 7.27 -10.62 3.38
C SER B 116 6.42 -10.68 2.11
N SER B 117 6.86 -11.52 1.15
CA SER B 117 6.09 -11.74 -0.07
C SER B 117 4.78 -12.50 0.16
N ALA B 118 4.53 -12.95 1.38
CA ALA B 118 3.32 -13.68 1.72
C ALA B 118 2.09 -12.78 1.60
N SER B 119 0.92 -13.39 1.82
CA SER B 119 -0.35 -12.73 1.60
C SER B 119 -1.09 -12.59 2.90
N THR B 120 -1.76 -11.45 3.07
CA THR B 120 -2.54 -11.24 4.28
C THR B 120 -3.61 -12.33 4.41
N LYS B 121 -3.95 -12.68 5.64
CA LYS B 121 -4.93 -13.74 5.89
C LYS B 121 -5.53 -13.53 7.28
N GLY B 122 -6.83 -13.25 7.35
CA GLY B 122 -7.49 -13.11 8.62
C GLY B 122 -7.53 -14.42 9.37
N PRO B 123 -7.70 -14.36 10.68
CA PRO B 123 -7.73 -15.59 11.49
C PRO B 123 -9.11 -16.24 11.51
N SER B 124 -9.29 -17.26 12.35
CA SER B 124 -10.62 -17.72 12.76
C SER B 124 -10.56 -18.03 14.24
N VAL B 125 -11.65 -17.75 14.95
CA VAL B 125 -11.66 -17.86 16.41
C VAL B 125 -12.57 -19.01 16.83
N PHE B 126 -12.09 -19.83 17.76
CA PHE B 126 -12.79 -20.98 18.26
C PHE B 126 -12.75 -20.93 19.78
N PRO B 127 -13.86 -21.19 20.45
CA PRO B 127 -13.88 -21.06 21.91
C PRO B 127 -13.19 -22.21 22.61
N LEU B 128 -12.86 -21.99 23.88
CA LEU B 128 -12.33 -23.01 24.77
C LEU B 128 -13.25 -23.08 25.99
N ALA B 129 -14.31 -23.89 25.89
CA ALA B 129 -15.29 -23.95 26.96
C ALA B 129 -14.66 -24.50 28.23
N PRO B 130 -15.02 -23.97 29.40
CA PRO B 130 -14.36 -24.39 30.64
C PRO B 130 -14.76 -25.79 31.08
N SER B 131 -13.97 -26.33 31.99
CA SER B 131 -14.20 -27.68 32.49
C SER B 131 -15.50 -27.70 33.29
N SER B 132 -16.53 -28.32 32.72
CA SER B 132 -17.81 -28.50 33.40
C SER B 132 -17.64 -29.28 34.70
N GLY B 138 -13.30 -24.84 42.25
CA GLY B 138 -12.47 -23.71 42.64
C GLY B 138 -12.42 -22.53 41.67
N THR B 139 -11.50 -22.60 40.71
CA THR B 139 -11.34 -21.59 39.67
C THR B 139 -11.19 -22.30 38.32
N ALA B 140 -12.16 -22.10 37.43
CA ALA B 140 -12.22 -22.84 36.18
C ALA B 140 -11.74 -21.94 35.06
N ALA B 141 -10.77 -22.42 34.29
CA ALA B 141 -10.14 -21.64 33.23
C ALA B 141 -10.84 -21.86 31.89
N LEU B 142 -10.85 -20.80 31.10
CA LEU B 142 -11.47 -20.81 29.78
C LEU B 142 -10.79 -19.78 28.90
N GLY B 143 -11.02 -19.86 27.59
CA GLY B 143 -10.40 -18.90 26.69
C GLY B 143 -10.76 -19.09 25.23
N CYS B 144 -9.93 -18.47 24.38
CA CYS B 144 -10.12 -18.39 22.94
C CYS B 144 -8.89 -18.86 22.19
N LEU B 145 -9.11 -19.44 21.02
CA LEU B 145 -8.05 -19.80 20.08
C LEU B 145 -8.17 -18.89 18.87
N VAL B 146 -7.03 -18.62 18.22
CA VAL B 146 -6.97 -17.77 17.04
C VAL B 146 -5.99 -18.42 16.09
N LYS B 147 -6.51 -19.03 15.02
CA LYS B 147 -5.69 -19.90 14.18
C LYS B 147 -5.51 -19.34 12.79
N ASP B 148 -4.33 -19.58 12.23
CA ASP B 148 -4.07 -19.49 10.79
C ASP B 148 -4.33 -18.08 10.24
N TYR B 149 -3.48 -17.14 10.68
CA TYR B 149 -3.52 -15.75 10.23
C TYR B 149 -2.11 -15.28 9.89
N PHE B 150 -2.03 -14.05 9.37
CA PHE B 150 -0.78 -13.41 8.94
C PHE B 150 -1.06 -11.96 8.53
N PRO B 151 -0.09 -11.05 8.70
CA PRO B 151 1.13 -11.23 9.49
C PRO B 151 0.83 -10.82 10.92
N GLU B 152 1.86 -10.82 11.76
CA GLU B 152 1.65 -10.32 13.10
C GLU B 152 1.31 -8.84 13.03
N PRO B 153 0.61 -8.31 14.03
CA PRO B 153 0.00 -8.93 15.20
C PRO B 153 -1.53 -8.88 15.23
N VAL B 154 -2.09 -9.47 16.28
CA VAL B 154 -3.52 -9.43 16.54
C VAL B 154 -3.71 -8.91 17.96
N THR B 155 -4.81 -8.21 18.19
CA THR B 155 -5.14 -7.69 19.51
C THR B 155 -6.30 -8.49 20.10
N VAL B 156 -6.20 -8.81 21.39
CA VAL B 156 -7.12 -9.71 22.07
C VAL B 156 -7.53 -9.09 23.39
N SER B 157 -8.84 -8.97 23.62
CA SER B 157 -9.36 -8.39 24.85
C SER B 157 -10.55 -9.20 25.35
N TRP B 158 -10.76 -9.16 26.66
CA TRP B 158 -11.78 -9.96 27.32
C TRP B 158 -12.85 -9.02 27.87
N ASN B 159 -14.07 -9.12 27.31
CA ASN B 159 -15.20 -8.24 27.63
C ASN B 159 -14.83 -6.79 27.34
N SER B 160 -14.10 -6.58 26.24
CA SER B 160 -13.75 -5.26 25.74
C SER B 160 -12.97 -4.42 26.75
N GLY B 161 -12.06 -5.07 27.48
CA GLY B 161 -11.26 -4.39 28.47
C GLY B 161 -11.72 -4.54 29.90
N ALA B 162 -12.85 -5.21 30.12
CA ALA B 162 -13.35 -5.42 31.48
C ALA B 162 -12.46 -6.40 32.24
N LEU B 163 -12.33 -7.63 31.74
CA LEU B 163 -11.56 -8.66 32.41
C LEU B 163 -10.09 -8.49 32.07
N THR B 164 -9.28 -8.24 33.11
CA THR B 164 -7.88 -7.95 32.93
C THR B 164 -6.97 -8.69 33.89
N SER B 165 -7.46 -9.11 35.04
CA SER B 165 -6.62 -9.86 35.97
C SER B 165 -6.72 -11.34 35.64
N GLY B 166 -5.64 -12.06 35.92
CA GLY B 166 -5.59 -13.49 35.67
C GLY B 166 -5.66 -13.91 34.21
N VAL B 167 -5.70 -12.93 33.28
CA VAL B 167 -5.64 -13.24 31.85
C VAL B 167 -4.19 -13.44 31.44
N HIS B 168 -3.97 -14.31 30.46
CA HIS B 168 -2.68 -14.53 29.83
C HIS B 168 -2.93 -14.71 28.35
N THR B 169 -2.33 -13.86 27.51
CA THR B 169 -2.37 -14.07 26.07
C THR B 169 -1.00 -14.55 25.59
N PHE B 170 -1.00 -15.53 24.78
CA PHE B 170 0.23 -16.24 24.52
C PHE B 170 0.90 -15.71 23.27
N PRO B 171 2.23 -15.84 23.22
CA PRO B 171 2.97 -15.52 21.99
C PRO B 171 2.50 -16.34 20.83
N ALA B 172 2.31 -15.67 19.69
CA ALA B 172 1.98 -16.40 18.47
C ALA B 172 3.07 -17.40 18.14
N VAL B 173 2.67 -18.59 17.72
CA VAL B 173 3.59 -19.59 17.21
C VAL B 173 3.36 -19.71 15.72
N LEU B 174 4.41 -20.04 14.99
CA LEU B 174 4.37 -20.08 13.53
C LEU B 174 4.28 -21.54 13.08
N GLN B 175 3.08 -21.98 12.71
CA GLN B 175 2.88 -23.35 12.26
C GLN B 175 3.66 -23.61 10.98
N SER B 176 3.84 -24.90 10.66
CA SER B 176 4.56 -25.27 9.44
C SER B 176 3.87 -24.74 8.19
N SER B 177 2.60 -24.36 8.31
CA SER B 177 1.82 -23.76 7.24
C SER B 177 2.13 -22.28 7.04
N GLY B 178 3.28 -21.80 7.55
CA GLY B 178 3.62 -20.38 7.46
C GLY B 178 2.60 -19.44 8.07
N LEU B 179 1.73 -19.90 8.97
CA LEU B 179 0.67 -19.08 9.54
C LEU B 179 0.75 -19.08 11.05
N TYR B 180 0.49 -17.92 11.64
CA TYR B 180 0.53 -17.76 13.09
C TYR B 180 -0.74 -18.31 13.72
N SER B 181 -0.65 -18.62 15.01
CA SER B 181 -1.82 -19.03 15.76
C SER B 181 -1.48 -18.91 17.24
N LEU B 182 -2.29 -18.16 17.98
CA LEU B 182 -2.09 -17.97 19.40
C LEU B 182 -3.43 -18.17 20.09
N SER B 183 -3.43 -18.05 21.41
CA SER B 183 -4.56 -18.45 22.22
C SER B 183 -4.57 -17.69 23.53
N SER B 184 -5.68 -17.06 23.87
CA SER B 184 -5.81 -16.32 25.11
C SER B 184 -6.71 -17.07 26.10
N VAL B 185 -6.45 -16.89 27.39
CA VAL B 185 -7.13 -17.61 28.44
C VAL B 185 -7.32 -16.70 29.65
N VAL B 186 -8.26 -17.09 30.51
CA VAL B 186 -8.43 -16.44 31.80
C VAL B 186 -8.95 -17.47 32.80
N THR B 187 -8.53 -17.31 34.05
CA THR B 187 -9.08 -18.07 35.16
C THR B 187 -10.13 -17.20 35.85
N VAL B 188 -11.33 -17.75 35.99
CA VAL B 188 -12.44 -17.08 36.66
C VAL B 188 -12.97 -18.02 37.73
N PRO B 189 -13.75 -17.51 38.69
CA PRO B 189 -14.36 -18.40 39.68
C PRO B 189 -15.32 -19.39 39.04
N SER B 190 -15.31 -20.63 39.55
CA SER B 190 -16.27 -21.63 39.10
C SER B 190 -17.71 -21.18 39.34
N SER B 191 -17.92 -20.22 40.25
CA SER B 191 -19.23 -19.74 40.65
C SER B 191 -19.74 -18.61 39.76
N SER B 192 -19.29 -18.54 38.52
CA SER B 192 -19.72 -17.48 37.62
C SER B 192 -19.93 -17.95 36.20
N LEU B 193 -19.80 -19.24 35.94
CA LEU B 193 -19.75 -19.72 34.56
C LEU B 193 -21.13 -19.79 33.91
N GLY B 194 -22.20 -19.83 34.71
CA GLY B 194 -23.55 -19.95 34.17
C GLY B 194 -24.29 -18.63 34.06
N THR B 195 -23.95 -17.69 34.94
CA THR B 195 -24.58 -16.36 34.96
C THR B 195 -23.76 -15.36 34.18
N GLN B 196 -22.49 -15.19 34.54
CA GLN B 196 -21.63 -14.24 33.84
C GLN B 196 -21.36 -14.71 32.41
N THR B 197 -21.45 -13.78 31.46
CA THR B 197 -21.22 -14.07 30.05
C THR B 197 -19.83 -13.55 29.65
N TYR B 198 -19.01 -14.44 29.08
CA TYR B 198 -17.64 -14.17 28.69
C TYR B 198 -17.50 -14.26 27.18
N ILE B 199 -16.88 -13.24 26.58
CA ILE B 199 -16.57 -13.22 25.15
C ILE B 199 -15.27 -12.47 24.91
N CYS B 200 -14.40 -13.03 24.09
CA CYS B 200 -13.14 -12.40 23.73
C CYS B 200 -13.28 -11.62 22.43
N ASN B 201 -12.53 -10.52 22.34
CA ASN B 201 -12.53 -9.63 21.19
C ASN B 201 -11.18 -9.72 20.48
N VAL B 202 -11.23 -9.97 19.17
CA VAL B 202 -10.03 -10.15 18.37
C VAL B 202 -10.05 -9.10 17.27
N ASN B 203 -9.10 -8.18 17.32
CA ASN B 203 -8.85 -7.28 16.20
C ASN B 203 -7.63 -7.79 15.43
N HIS B 204 -7.76 -7.84 14.11
CA HIS B 204 -6.63 -8.10 13.22
C HIS B 204 -6.64 -6.97 12.19
N LYS B 205 -5.97 -5.87 12.53
CA LYS B 205 -5.84 -4.74 11.60
C LYS B 205 -5.25 -5.11 10.25
N PRO B 206 -4.24 -5.97 10.14
CA PRO B 206 -3.63 -6.20 8.81
C PRO B 206 -4.60 -6.68 7.74
N SER B 207 -5.73 -7.29 8.13
CA SER B 207 -6.74 -7.80 7.21
C SER B 207 -8.12 -7.16 7.42
N ASN B 208 -8.25 -6.21 8.35
CA ASN B 208 -9.54 -5.59 8.70
C ASN B 208 -10.51 -6.64 9.22
N THR B 209 -10.04 -7.44 10.16
CA THR B 209 -10.77 -8.61 10.65
C THR B 209 -11.02 -8.44 12.15
N LYS B 210 -12.12 -7.78 12.48
CA LYS B 210 -12.54 -7.64 13.87
C LYS B 210 -13.67 -8.64 14.13
N VAL B 211 -13.52 -9.47 15.16
CA VAL B 211 -14.37 -10.65 15.34
C VAL B 211 -14.53 -10.93 16.83
N ASP B 212 -15.78 -11.24 17.24
CA ASP B 212 -16.13 -11.55 18.62
C ASP B 212 -16.82 -12.91 18.67
N LYS B 213 -16.61 -13.66 19.77
CA LYS B 213 -17.16 -15.01 19.88
C LYS B 213 -17.29 -15.40 21.35
N ARG B 214 -18.44 -15.94 21.74
CA ARG B 214 -18.75 -16.25 23.13
C ARG B 214 -18.28 -17.64 23.52
N VAL B 215 -18.05 -17.82 24.83
CA VAL B 215 -17.47 -19.04 25.39
C VAL B 215 -18.45 -19.59 26.44
N GLU B 216 -19.09 -20.73 26.13
CA GLU B 216 -20.08 -21.35 26.99
C GLU B 216 -19.83 -22.83 27.11
N PRO B 217 -20.11 -23.42 28.28
CA PRO B 217 -19.93 -24.87 28.52
C PRO B 217 -20.91 -25.74 27.73
N THR C 13 55.71 46.90 1.31
CA THR C 13 54.68 45.95 1.73
C THR C 13 55.20 45.06 2.89
N ASN C 14 54.37 44.90 3.92
CA ASN C 14 54.76 44.30 5.20
C ASN C 14 54.16 42.89 5.37
N LEU C 15 54.64 42.18 6.39
CA LEU C 15 54.17 40.82 6.65
C LEU C 15 52.86 40.83 7.43
N CYS C 16 52.17 39.69 7.41
CA CYS C 16 50.86 39.45 8.02
C CYS C 16 51.01 38.81 9.39
N PRO C 17 50.19 39.23 10.38
CA PRO C 17 50.38 38.79 11.76
C PRO C 17 49.86 37.38 12.05
N PHE C 18 50.18 36.44 11.14
CA PHE C 18 49.73 35.06 11.34
C PHE C 18 50.23 34.50 12.66
N ASP C 19 51.53 34.58 12.93
CA ASP C 19 52.05 34.10 14.19
C ASP C 19 51.29 34.69 15.38
N GLU C 20 50.70 35.88 15.23
CA GLU C 20 49.94 36.48 16.32
C GLU C 20 48.56 35.85 16.52
N VAL C 21 48.13 34.95 15.65
CA VAL C 21 46.83 34.30 15.69
C VAL C 21 46.99 32.86 16.18
N PHE C 22 48.13 32.24 15.87
CA PHE C 22 48.38 30.86 16.25
C PHE C 22 49.08 30.76 17.60
N ASN C 23 50.24 31.45 17.75
CA ASN C 23 51.01 31.66 18.99
C ASN C 23 50.20 32.49 20.04
N ALA C 24 48.94 32.75 19.66
CA ALA C 24 47.99 33.45 20.52
C ALA C 24 47.60 32.60 21.72
N THR C 25 47.31 33.29 22.83
CA THR C 25 47.27 32.70 24.16
C THR C 25 46.33 31.50 24.23
N ARG C 26 45.02 31.74 24.06
CA ARG C 26 44.03 30.68 23.94
C ARG C 26 42.92 31.14 22.99
N PHE C 27 42.12 30.18 22.54
CA PHE C 27 41.13 30.42 21.50
C PHE C 27 39.72 30.51 22.07
N ALA C 28 38.83 31.12 21.29
CA ALA C 28 37.43 31.22 21.66
C ALA C 28 36.74 29.87 21.48
N SER C 29 35.66 29.70 22.24
CA SER C 29 34.79 28.54 22.05
C SER C 29 34.15 28.63 20.67
N VAL C 30 33.93 27.45 20.06
CA VAL C 30 33.58 27.41 18.64
C VAL C 30 32.36 28.27 18.35
N TYR C 31 31.41 28.32 19.28
CA TYR C 31 30.16 29.04 19.07
C TYR C 31 30.37 30.54 18.93
N ALA C 32 31.44 31.07 19.53
CA ALA C 32 31.69 32.51 19.58
C ALA C 32 33.06 32.80 18.97
N TRP C 33 33.28 32.27 17.78
CA TRP C 33 34.60 32.24 17.15
C TRP C 33 35.17 33.64 16.96
N ASN C 34 36.49 33.73 17.09
CA ASN C 34 37.25 34.94 16.77
C ASN C 34 37.37 35.12 15.27
N ARG C 35 37.29 36.38 14.84
CA ARG C 35 37.64 36.76 13.48
C ARG C 35 38.58 37.94 13.59
N LYS C 36 39.85 37.74 13.20
CA LYS C 36 40.79 38.84 13.02
C LYS C 36 40.79 39.24 11.55
N ARG C 37 40.66 40.54 11.30
CA ARG C 37 40.63 41.09 9.96
C ARG C 37 42.06 41.31 9.49
N ILE C 38 42.31 41.01 8.22
CA ILE C 38 43.66 41.08 7.65
C ILE C 38 43.62 41.90 6.36
N SER C 39 44.55 42.87 6.28
CA SER C 39 44.67 43.76 5.13
C SER C 39 46.05 44.41 5.21
N ASN C 40 46.62 44.72 4.04
CA ASN C 40 47.92 45.39 3.90
C ASN C 40 49.10 44.54 4.42
N CYS C 41 49.33 43.39 3.78
CA CYS C 41 50.48 42.57 4.17
C CYS C 41 50.70 41.41 3.18
N VAL C 42 51.75 40.61 3.47
CA VAL C 42 52.34 39.62 2.56
C VAL C 42 52.14 38.21 3.11
N ALA C 43 51.66 37.31 2.25
CA ALA C 43 51.19 35.97 2.66
C ALA C 43 52.35 34.98 2.70
N ASP C 44 53.07 34.96 3.84
CA ASP C 44 54.17 34.02 4.05
C ASP C 44 53.77 32.98 5.09
N TYR C 45 53.67 31.72 4.65
CA TYR C 45 53.14 30.64 5.48
C TYR C 45 54.23 29.79 6.13
N SER C 46 55.46 29.86 5.63
CA SER C 46 56.58 29.22 6.33
C SER C 46 56.79 29.79 7.72
N VAL C 47 56.13 30.92 8.06
CA VAL C 47 56.10 31.39 9.44
C VAL C 47 55.63 30.27 10.36
N LEU C 48 54.75 29.42 9.86
CA LEU C 48 54.05 28.44 10.66
C LEU C 48 54.81 27.13 10.82
N TYR C 49 55.99 27.00 10.18
CA TYR C 49 56.83 25.81 10.31
C TYR C 49 56.76 25.27 11.73
N ASN C 50 57.10 26.13 12.69
CA ASN C 50 57.15 25.76 14.10
C ASN C 50 55.76 25.91 14.70
N LEU C 51 55.15 24.74 14.97
CA LEU C 51 54.06 24.53 15.91
C LEU C 51 53.85 23.02 15.92
N ALA C 52 52.88 22.49 16.71
CA ALA C 52 52.54 21.08 16.60
C ALA C 52 52.22 20.85 15.14
N PRO C 53 53.07 20.13 14.37
CA PRO C 53 53.33 20.50 12.96
C PRO C 53 52.13 20.74 12.03
N PHE C 54 50.92 20.94 12.59
CA PHE C 54 49.79 21.68 11.97
C PHE C 54 49.26 20.94 10.74
N PHE C 55 49.05 19.65 10.92
CA PHE C 55 49.12 18.73 9.81
C PHE C 55 47.93 18.89 8.87
N THR C 56 46.70 19.00 9.42
CA THR C 56 45.52 19.02 8.56
C THR C 56 45.40 20.37 7.86
N PHE C 57 45.57 20.36 6.53
CA PHE C 57 45.54 21.58 5.73
C PHE C 57 44.91 21.28 4.38
N LYS C 58 43.73 21.84 4.13
CA LYS C 58 43.01 21.65 2.87
C LYS C 58 42.42 22.99 2.47
N CYS C 59 42.46 23.28 1.16
CA CYS C 59 41.99 24.53 0.60
C CYS C 59 40.87 24.26 -0.38
N TYR C 60 40.08 25.29 -0.65
CA TYR C 60 38.91 25.19 -1.51
C TYR C 60 38.86 26.42 -2.38
N GLY C 61 38.49 26.21 -3.65
CA GLY C 61 38.42 27.28 -4.64
C GLY C 61 39.74 27.95 -4.98
N VAL C 62 40.84 27.50 -4.39
CA VAL C 62 42.16 28.07 -4.59
C VAL C 62 43.12 26.91 -4.53
N SER C 63 44.28 27.04 -5.20
CA SER C 63 45.25 25.96 -5.20
C SER C 63 46.44 26.28 -4.29
N PRO C 64 47.03 25.27 -3.67
CA PRO C 64 48.28 25.48 -2.94
C PRO C 64 49.42 25.82 -3.89
N THR C 65 50.28 26.73 -3.43
CA THR C 65 51.44 27.33 -4.12
C THR C 65 51.03 28.35 -5.19
N LYS C 66 49.75 28.41 -5.54
CA LYS C 66 49.26 29.54 -6.32
C LYS C 66 48.93 30.74 -5.43
N LEU C 67 49.33 30.68 -4.17
CA LEU C 67 48.91 31.62 -3.13
C LEU C 67 49.91 32.76 -2.97
N ASN C 68 51.19 32.42 -2.87
CA ASN C 68 52.22 33.43 -2.92
C ASN C 68 52.15 34.26 -4.19
N ASP C 69 51.42 33.79 -5.20
CA ASP C 69 51.26 34.50 -6.45
C ASP C 69 49.80 34.87 -6.72
N LEU C 70 49.10 35.37 -5.69
CA LEU C 70 47.74 35.86 -5.89
C LEU C 70 47.46 37.01 -4.94
N CYS C 71 46.41 37.78 -5.25
CA CYS C 71 46.01 38.97 -4.52
C CYS C 71 44.49 39.01 -4.34
N PHE C 72 44.06 39.34 -3.12
CA PHE C 72 42.63 39.45 -2.81
C PHE C 72 42.35 40.74 -2.08
N THR C 73 41.09 41.16 -2.15
CA THR C 73 40.66 42.40 -1.50
C THR C 73 40.88 42.34 0.00
N ASN C 74 40.19 41.43 0.69
CA ASN C 74 40.34 41.26 2.13
C ASN C 74 40.54 39.79 2.45
N VAL C 75 41.14 39.56 3.62
CA VAL C 75 41.44 38.21 4.10
C VAL C 75 41.07 38.17 5.59
N TYR C 76 40.41 37.09 6.00
CA TYR C 76 39.95 36.92 7.36
C TYR C 76 40.52 35.64 7.96
N ALA C 77 40.93 35.71 9.22
CA ALA C 77 41.38 34.53 9.96
C ALA C 77 40.41 34.29 11.11
N ASP C 78 39.55 33.28 10.94
CA ASP C 78 38.66 32.83 11.99
C ASP C 78 39.36 31.75 12.79
N SER C 79 39.18 31.78 14.12
CA SER C 79 39.87 30.84 15.01
C SER C 79 38.93 30.35 16.10
N PHE C 80 39.00 29.05 16.42
CA PHE C 80 38.21 28.45 17.49
C PHE C 80 38.74 27.06 17.84
N VAL C 81 38.17 26.48 18.89
CA VAL C 81 38.51 25.13 19.33
C VAL C 81 37.30 24.21 19.13
N ILE C 82 37.53 23.03 18.56
CA ILE C 82 36.53 21.99 18.44
C ILE C 82 37.22 20.65 18.71
N ARG C 83 36.42 19.60 18.87
CA ARG C 83 37.05 18.30 19.06
C ARG C 83 37.37 17.68 17.70
N GLY C 84 38.32 16.76 17.71
CA GLY C 84 38.90 16.27 16.47
C GLY C 84 37.88 15.67 15.53
N ASP C 85 37.07 14.72 16.02
CA ASP C 85 36.15 14.02 15.12
C ASP C 85 35.17 14.98 14.43
N GLU C 86 35.09 16.23 14.87
CA GLU C 86 34.20 17.25 14.32
C GLU C 86 34.90 18.20 13.36
N VAL C 87 36.17 17.95 13.02
CA VAL C 87 36.86 18.87 12.12
C VAL C 87 36.40 18.66 10.69
N ARG C 88 35.99 17.44 10.33
CA ARG C 88 35.47 17.20 9.00
C ARG C 88 34.30 18.13 8.61
N GLN C 89 33.68 18.84 9.57
CA GLN C 89 32.56 19.71 9.24
C GLN C 89 32.99 21.12 8.89
N ILE C 90 34.26 21.46 9.07
CA ILE C 90 34.76 22.78 8.68
C ILE C 90 35.19 22.65 7.23
N ALA C 91 34.21 22.72 6.35
CA ALA C 91 34.32 22.47 4.92
C ALA C 91 32.99 22.88 4.31
N PRO C 92 32.99 23.29 3.06
CA PRO C 92 31.75 23.79 2.46
C PRO C 92 30.71 22.69 2.35
N GLY C 93 29.46 23.05 2.68
CA GLY C 93 28.36 22.11 2.56
C GLY C 93 28.50 20.91 3.48
N GLN C 94 28.60 21.18 4.75
CA GLN C 94 28.60 20.12 5.73
C GLN C 94 27.39 20.26 6.64
N THR C 95 27.10 19.16 7.31
CA THR C 95 26.08 19.13 8.32
C THR C 95 26.66 18.45 9.56
N GLY C 96 25.99 18.64 10.68
CA GLY C 96 26.51 18.27 11.99
C GLY C 96 26.21 19.45 12.88
N ASN C 97 26.26 19.20 14.20
CA ASN C 97 25.87 20.29 15.08
C ASN C 97 26.84 21.47 15.01
N ILE C 98 28.09 21.23 14.60
CA ILE C 98 29.08 22.31 14.46
C ILE C 98 28.84 23.08 13.16
N ALA C 99 28.77 22.36 12.04
CA ALA C 99 28.55 23.00 10.76
C ALA C 99 27.20 23.68 10.66
N ASP C 100 26.32 23.51 11.64
CA ASP C 100 24.96 24.00 11.54
C ASP C 100 24.60 25.02 12.60
N TYR C 101 25.05 24.84 13.84
CA TYR C 101 24.72 25.75 14.92
C TYR C 101 25.93 26.52 15.46
N ASN C 102 27.12 26.28 14.94
CA ASN C 102 28.29 26.96 15.47
C ASN C 102 29.06 27.77 14.43
N TYR C 103 29.41 27.19 13.28
CA TYR C 103 30.26 27.89 12.30
C TYR C 103 30.03 27.26 10.93
N LYS C 104 29.41 28.00 10.00
CA LYS C 104 29.05 27.48 8.68
C LYS C 104 29.89 28.12 7.60
N LEU C 105 30.62 27.25 6.77
CA LEU C 105 31.25 27.86 5.59
C LEU C 105 30.28 27.81 4.41
N PRO C 106 30.35 28.79 3.53
CA PRO C 106 29.44 28.84 2.38
C PRO C 106 29.79 27.75 1.39
N ASP C 107 28.82 27.46 0.52
CA ASP C 107 29.01 26.36 -0.41
C ASP C 107 30.06 26.69 -1.45
N ASP C 108 30.25 27.98 -1.75
CA ASP C 108 31.21 28.47 -2.74
C ASP C 108 32.51 28.91 -2.09
N PHE C 109 32.81 28.41 -0.90
CA PHE C 109 33.92 28.93 -0.14
C PHE C 109 35.20 28.83 -0.92
N THR C 110 35.93 29.94 -1.00
CA THR C 110 37.34 29.93 -1.44
C THR C 110 38.21 30.36 -0.27
N GLY C 111 39.19 29.52 0.07
CA GLY C 111 39.97 29.73 1.27
C GLY C 111 40.57 28.43 1.74
N CYS C 112 41.28 28.52 2.87
CA CYS C 112 42.04 27.39 3.40
C CYS C 112 41.65 27.14 4.85
N VAL C 113 41.75 25.87 5.26
CA VAL C 113 41.41 25.44 6.62
C VAL C 113 42.63 24.74 7.22
N ILE C 114 43.01 25.15 8.44
CA ILE C 114 44.22 24.64 9.10
C ILE C 114 43.85 24.19 10.50
N ALA C 115 44.29 23.00 10.89
CA ALA C 115 43.93 22.50 12.20
C ALA C 115 45.04 21.62 12.76
N TRP C 116 45.44 21.90 13.99
CA TRP C 116 46.41 21.06 14.69
C TRP C 116 45.85 20.59 16.02
N ASN C 117 46.23 19.37 16.38
CA ASN C 117 45.91 18.82 17.70
C ASN C 117 46.48 19.71 18.80
N SER C 118 45.62 20.11 19.73
CA SER C 118 46.05 20.93 20.86
C SER C 118 45.81 20.21 22.18
N ASN C 119 45.87 18.88 22.16
CA ASN C 119 45.64 18.10 23.38
C ASN C 119 46.63 18.52 24.46
N LYS C 120 47.87 18.78 24.07
CA LYS C 120 48.87 19.19 25.04
C LYS C 120 48.58 20.56 25.63
N LEU C 121 47.61 21.30 25.10
CA LEU C 121 47.44 22.70 25.45
C LEU C 121 46.12 23.01 26.11
N ASP C 122 45.07 22.26 25.81
CA ASP C 122 43.74 22.61 26.26
C ASP C 122 43.05 21.43 26.95
N SER C 123 43.81 20.45 27.41
CA SER C 123 43.29 19.33 28.19
C SER C 123 43.81 19.44 29.62
N LYS C 124 42.90 19.67 30.55
CA LYS C 124 43.18 19.46 31.97
C LYS C 124 42.68 18.06 32.32
N VAL C 125 43.42 17.35 33.19
CA VAL C 125 42.97 16.01 33.56
C VAL C 125 41.73 16.10 34.43
N SER C 126 41.60 17.17 35.20
CA SER C 126 40.35 17.47 35.89
C SER C 126 39.22 17.74 34.92
N GLY C 127 39.53 18.07 33.67
CA GLY C 127 38.54 18.37 32.67
C GLY C 127 38.49 19.84 32.33
N ASN C 128 38.67 20.19 31.06
CA ASN C 128 38.63 21.59 30.63
C ASN C 128 37.21 21.92 30.18
N TYR C 129 36.41 22.48 31.09
CA TYR C 129 35.03 22.85 30.78
C TYR C 129 34.93 24.29 30.32
N ASN C 130 35.97 24.84 29.72
CA ASN C 130 35.95 26.21 29.26
C ASN C 130 35.58 26.33 27.79
N TYR C 131 35.68 25.25 27.04
CA TYR C 131 35.40 25.28 25.61
C TYR C 131 33.96 24.81 25.40
N LEU C 132 33.16 25.67 24.75
CA LEU C 132 31.71 25.51 24.69
C LEU C 132 31.22 25.49 23.24
N TYR C 133 30.13 24.74 23.01
CA TYR C 133 29.48 24.74 21.71
C TYR C 133 27.97 24.77 21.92
N ARG C 134 27.29 25.41 20.98
CA ARG C 134 25.83 25.46 21.01
C ARG C 134 25.27 24.13 20.54
N LEU C 135 24.42 23.55 21.38
CA LEU C 135 23.76 22.27 21.14
C LEU C 135 22.36 22.44 20.59
N PHE C 136 21.61 23.43 21.08
CA PHE C 136 20.21 23.63 20.72
C PHE C 136 20.04 24.91 19.93
N ARG C 137 19.46 24.81 18.74
CA ARG C 137 19.14 25.99 17.94
C ARG C 137 17.98 25.66 17.03
N LYS C 138 17.07 26.63 16.87
CA LYS C 138 15.92 26.45 15.98
C LYS C 138 16.36 26.14 14.55
N SER C 139 17.16 27.02 13.95
CA SER C 139 17.50 26.89 12.56
C SER C 139 19.02 26.89 12.37
N ASN C 140 19.42 26.44 11.18
CA ASN C 140 20.81 26.48 10.75
C ASN C 140 21.34 27.90 10.73
N LEU C 141 22.66 28.02 10.92
CA LEU C 141 23.34 29.30 10.76
C LEU C 141 23.55 29.58 9.29
N LYS C 142 23.41 30.84 8.92
CA LYS C 142 23.84 31.28 7.60
C LYS C 142 25.38 31.30 7.56
N PRO C 143 25.98 31.16 6.39
CA PRO C 143 27.44 31.04 6.36
C PRO C 143 28.10 32.30 6.92
N PHE C 144 29.11 32.07 7.77
CA PHE C 144 29.86 33.16 8.40
C PHE C 144 28.97 33.99 9.31
N GLU C 145 28.08 33.31 10.03
CA GLU C 145 27.24 33.93 11.03
C GLU C 145 27.67 33.49 12.41
N ARG C 146 27.46 34.34 13.40
CA ARG C 146 27.82 34.02 14.78
C ARG C 146 26.62 34.27 15.68
N ASP C 147 26.27 33.26 16.46
CA ASP C 147 25.22 33.36 17.45
C ASP C 147 25.88 33.35 18.81
N ILE C 148 25.73 34.43 19.55
CA ILE C 148 26.34 34.49 20.86
C ILE C 148 25.34 34.29 22.01
N SER C 149 24.04 34.44 21.76
CA SER C 149 23.08 34.51 22.87
C SER C 149 23.04 33.20 23.64
N THR C 150 22.87 33.32 24.95
CA THR C 150 22.60 32.16 25.81
C THR C 150 21.14 32.19 26.30
N GLU C 151 20.23 32.57 25.41
CA GLU C 151 18.80 32.47 25.68
C GLU C 151 18.38 31.02 25.89
N ILE C 152 17.36 30.82 26.72
CA ILE C 152 16.88 29.47 27.03
C ILE C 152 16.08 28.93 25.87
N TYR C 153 16.44 27.72 25.42
CA TYR C 153 15.87 27.16 24.21
C TYR C 153 14.51 26.54 24.49
N GLN C 154 13.51 26.96 23.70
CA GLN C 154 12.11 26.59 23.92
C GLN C 154 11.80 25.37 23.08
N ALA C 155 11.89 24.19 23.69
CA ALA C 155 11.61 22.92 23.04
C ALA C 155 10.13 22.58 22.97
N GLY C 156 9.31 23.16 23.87
CA GLY C 156 7.87 23.02 23.83
C GLY C 156 7.19 24.32 23.42
N ASN C 157 5.88 24.20 23.13
CA ASN C 157 5.06 25.37 22.82
C ASN C 157 4.88 26.26 24.02
N LYS C 158 5.13 25.74 25.22
CA LYS C 158 5.08 26.41 26.51
C LYS C 158 6.36 27.21 26.74
N PRO C 159 6.29 28.54 26.73
CA PRO C 159 7.51 29.36 26.77
C PRO C 159 8.28 29.27 28.07
N CYS C 160 9.58 29.57 27.99
CA CYS C 160 10.57 29.24 29.01
C CYS C 160 10.96 30.41 29.88
N ASN C 161 11.39 31.52 29.28
CA ASN C 161 11.66 32.80 29.95
C ASN C 161 12.38 32.61 31.29
N GLY C 162 13.60 32.09 31.19
CA GLY C 162 14.52 32.10 32.31
C GLY C 162 14.68 30.78 33.04
N VAL C 163 13.59 30.07 33.27
CA VAL C 163 13.65 28.83 34.03
C VAL C 163 14.19 27.73 33.13
N ALA C 164 15.32 27.13 33.52
CA ALA C 164 15.79 25.93 32.87
C ALA C 164 14.95 24.74 33.37
N GLY C 165 14.10 24.19 32.52
CA GLY C 165 13.25 23.10 32.97
C GLY C 165 12.88 22.13 31.87
N PHE C 166 11.84 21.31 32.06
CA PHE C 166 11.38 20.47 30.98
C PHE C 166 11.01 21.34 29.78
N ASN C 167 11.46 20.91 28.60
CA ASN C 167 11.26 21.64 27.35
C ASN C 167 11.78 23.07 27.44
N CYS C 168 12.70 23.33 28.36
CA CYS C 168 13.35 24.62 28.59
C CYS C 168 14.83 24.39 28.84
N TYR C 169 15.62 24.40 27.77
CA TYR C 169 17.01 23.98 27.84
C TYR C 169 17.95 25.12 27.52
N PHE C 170 18.95 25.29 28.38
CA PHE C 170 20.07 26.17 28.13
C PHE C 170 20.91 25.57 27.01
N PRO C 171 21.34 26.38 26.03
CA PRO C 171 21.82 25.82 24.76
C PRO C 171 23.32 25.60 24.62
N LEU C 172 24.15 25.67 25.66
CA LEU C 172 25.58 25.42 25.45
C LEU C 172 26.07 24.28 26.33
N ARG C 173 27.06 23.55 25.81
CA ARG C 173 27.66 22.43 26.52
C ARG C 173 29.17 22.58 26.53
N SER C 174 29.79 22.25 27.67
CA SER C 174 31.25 22.19 27.72
C SER C 174 31.76 21.00 26.94
N TYR C 175 32.97 21.14 26.43
CA TYR C 175 33.53 20.05 25.65
C TYR C 175 34.14 18.97 26.52
N SER C 176 34.53 19.30 27.76
CA SER C 176 35.13 18.33 28.66
C SER C 176 36.37 17.68 28.04
N PHE C 177 37.38 18.50 27.78
CA PHE C 177 38.61 18.00 27.17
C PHE C 177 39.50 17.41 28.26
N ARG C 178 39.62 16.09 28.26
CA ARG C 178 40.49 15.30 29.09
C ARG C 178 41.59 14.69 28.23
N PRO C 179 42.84 14.66 28.71
CA PRO C 179 43.93 14.17 27.87
C PRO C 179 43.91 12.68 27.65
N THR C 180 43.23 11.94 28.51
CA THR C 180 43.12 10.50 28.35
C THR C 180 42.50 10.12 27.00
N TYR C 181 41.55 10.93 26.52
CA TYR C 181 40.56 10.50 25.54
C TYR C 181 41.18 9.86 24.32
N GLY C 182 40.38 8.99 23.69
CA GLY C 182 40.64 8.64 22.30
C GLY C 182 40.68 9.89 21.44
N VAL C 183 41.56 9.87 20.44
CA VAL C 183 41.97 11.08 19.72
C VAL C 183 40.80 11.77 19.02
N GLY C 184 39.72 11.03 18.71
CA GLY C 184 38.54 11.67 18.18
C GLY C 184 37.99 12.73 19.11
N HIS C 185 38.09 12.51 20.42
CA HIS C 185 37.51 13.38 21.43
C HIS C 185 38.43 14.52 21.85
N GLN C 186 39.73 14.61 21.29
CA GLN C 186 40.74 15.54 21.80
C GLN C 186 40.63 16.93 21.15
N PRO C 187 41.02 17.97 21.88
CA PRO C 187 40.87 19.34 21.33
C PRO C 187 41.70 19.56 20.08
N TYR C 188 41.21 20.47 19.24
CA TYR C 188 41.91 20.89 18.03
C TYR C 188 41.70 22.38 17.83
N ARG C 189 42.79 23.14 17.84
CA ARG C 189 42.72 24.54 17.46
C ARG C 189 42.62 24.64 15.94
N VAL C 190 41.73 25.51 15.45
CA VAL C 190 41.43 25.61 14.03
C VAL C 190 41.48 27.06 13.58
N VAL C 191 42.08 27.30 12.40
CA VAL C 191 42.14 28.64 11.81
C VAL C 191 41.71 28.55 10.36
N VAL C 192 40.72 29.36 9.97
CA VAL C 192 40.10 29.30 8.66
C VAL C 192 40.35 30.62 7.94
N LEU C 193 41.08 30.55 6.83
CA LEU C 193 41.47 31.71 6.06
C LEU C 193 40.46 31.92 4.94
N SER C 194 39.75 33.03 5.00
CA SER C 194 38.75 33.39 4.01
C SER C 194 39.37 34.36 3.01
N PHE C 195 39.33 34.00 1.71
CA PHE C 195 39.98 34.78 0.65
C PHE C 195 38.92 35.46 -0.20
N GLU C 196 38.80 36.77 -0.05
CA GLU C 196 37.67 37.53 -0.59
C GLU C 196 38.21 38.51 -1.63
N LEU C 197 37.78 38.31 -2.88
CA LEU C 197 38.22 39.13 -4.01
C LEU C 197 37.03 39.93 -4.55
N ALA C 200 36.88 46.08 -5.29
CA ALA C 200 37.74 46.97 -4.50
C ALA C 200 39.22 46.74 -4.83
N PRO C 201 40.09 47.67 -4.43
CA PRO C 201 41.53 47.46 -4.62
C PRO C 201 42.07 46.36 -3.70
N ALA C 202 43.03 45.60 -4.24
CA ALA C 202 43.60 44.46 -3.53
C ALA C 202 44.70 44.89 -2.57
N THR C 203 44.71 44.30 -1.37
CA THR C 203 45.62 44.70 -0.31
C THR C 203 46.29 43.54 0.40
N VAL C 204 46.07 42.30 -0.03
CA VAL C 204 46.72 41.14 0.57
C VAL C 204 47.25 40.26 -0.55
N CYS C 205 48.58 40.17 -0.65
CA CYS C 205 49.26 39.46 -1.72
C CYS C 205 50.37 38.60 -1.12
N GLY C 206 50.94 37.74 -1.97
CA GLY C 206 52.01 36.87 -1.56
C GLY C 206 53.40 37.42 -1.84
N PRO C 207 54.44 36.68 -1.42
CA PRO C 207 55.82 37.20 -1.61
C PRO C 207 56.17 37.47 -3.06
N LYS C 208 55.81 36.57 -3.98
CA LYS C 208 56.10 36.70 -5.40
C LYS C 208 55.37 37.87 -6.07
N LYS C 209 54.63 38.69 -5.30
CA LYS C 209 54.02 39.91 -5.81
C LYS C 209 54.35 41.14 -4.98
N SER C 210 55.18 40.99 -3.94
CA SER C 210 55.55 42.09 -3.03
C SER C 210 55.99 43.36 -3.76
N ALA D 1 -32.72 -1.92 -15.24
CA ALA D 1 -32.53 -3.12 -14.45
C ALA D 1 -31.82 -2.81 -13.13
N ILE D 2 -30.93 -3.70 -12.70
CA ILE D 2 -30.20 -3.49 -11.46
C ILE D 2 -29.38 -2.22 -11.56
N GLN D 3 -29.10 -1.62 -10.42
CA GLN D 3 -28.34 -0.37 -10.40
C GLN D 3 -27.17 -0.51 -9.43
N LEU D 4 -25.99 -0.06 -9.89
CA LEU D 4 -24.77 -0.10 -9.12
C LEU D 4 -24.26 1.32 -8.92
N THR D 5 -23.98 1.67 -7.66
CA THR D 5 -23.46 2.98 -7.28
C THR D 5 -22.27 2.81 -6.37
N GLN D 6 -21.18 3.50 -6.68
CA GLN D 6 -19.95 3.44 -5.91
C GLN D 6 -19.80 4.71 -5.08
N SER D 7 -19.28 4.54 -3.87
CA SER D 7 -18.93 5.66 -3.03
C SER D 7 -17.60 5.35 -2.37
N PRO D 8 -16.69 6.34 -2.30
CA PRO D 8 -16.91 7.69 -2.82
C PRO D 8 -16.59 7.79 -4.30
N SER D 9 -16.95 8.91 -4.93
CA SER D 9 -16.61 9.10 -6.33
C SER D 9 -15.12 9.38 -6.47
N SER D 10 -14.60 10.30 -5.66
CA SER D 10 -13.19 10.64 -5.64
C SER D 10 -12.61 10.28 -4.27
N LEU D 11 -11.29 10.11 -4.23
CA LEU D 11 -10.63 9.61 -3.02
C LEU D 11 -9.15 9.86 -3.09
N SER D 12 -8.61 10.54 -2.07
CA SER D 12 -7.18 10.77 -1.91
C SER D 12 -6.68 10.05 -0.67
N ALA D 13 -5.50 9.42 -0.78
CA ALA D 13 -5.01 8.61 0.32
C ALA D 13 -3.51 8.44 0.20
N SER D 14 -2.86 8.30 1.35
CA SER D 14 -1.41 8.34 1.47
C SER D 14 -0.82 6.92 1.46
N VAL D 15 0.40 6.80 0.93
CA VAL D 15 1.02 5.49 0.65
C VAL D 15 1.07 4.64 1.91
N GLY D 16 0.63 3.38 1.79
CA GLY D 16 0.52 2.48 2.92
C GLY D 16 -0.83 2.47 3.61
N ASP D 17 -1.68 3.48 3.37
CA ASP D 17 -2.98 3.58 4.01
C ASP D 17 -3.88 2.44 3.56
N ARG D 18 -4.81 2.06 4.44
CA ARG D 18 -5.85 1.08 4.13
C ARG D 18 -7.04 1.85 3.58
N VAL D 19 -7.32 1.66 2.29
CA VAL D 19 -8.39 2.38 1.60
C VAL D 19 -9.53 1.42 1.32
N THR D 20 -10.75 1.91 1.49
CA THR D 20 -11.96 1.11 1.25
C THR D 20 -12.89 1.88 0.32
N ILE D 21 -13.16 1.30 -0.86
CA ILE D 21 -14.20 1.77 -1.77
C ILE D 21 -15.38 0.82 -1.65
N THR D 22 -16.60 1.35 -1.79
CA THR D 22 -17.82 0.59 -1.61
C THR D 22 -18.70 0.64 -2.87
N CYS D 23 -19.41 -0.46 -3.12
CA CYS D 23 -20.32 -0.63 -4.24
C CYS D 23 -21.64 -1.11 -3.67
N ARG D 24 -22.71 -0.36 -3.95
CA ARG D 24 -24.04 -0.65 -3.44
C ARG D 24 -24.97 -1.02 -4.58
N ALA D 25 -25.66 -2.16 -4.45
CA ALA D 25 -26.59 -2.63 -5.45
C ALA D 25 -28.02 -2.37 -5.00
N SER D 26 -28.89 -2.01 -5.93
CA SER D 26 -30.30 -1.83 -5.61
C SER D 26 -31.08 -3.16 -5.66
N GLN D 27 -30.39 -4.29 -5.55
CA GLN D 27 -31.01 -5.61 -5.48
C GLN D 27 -29.99 -6.60 -4.95
N GLY D 28 -30.42 -7.42 -3.99
CA GLY D 28 -29.55 -8.43 -3.44
C GLY D 28 -29.13 -9.46 -4.45
N ILE D 29 -27.86 -9.41 -4.86
CA ILE D 29 -27.29 -10.38 -5.78
C ILE D 29 -26.15 -11.08 -5.04
N SER D 30 -26.23 -12.41 -4.96
CA SER D 30 -25.57 -13.10 -3.86
C SER D 30 -24.09 -12.72 -3.75
N SER D 31 -23.28 -13.15 -4.71
CA SER D 31 -21.87 -12.75 -4.71
C SER D 31 -21.41 -12.54 -6.13
N HIS D 32 -22.35 -12.18 -7.01
CA HIS D 32 -22.07 -12.02 -8.44
C HIS D 32 -21.61 -10.58 -8.65
N LEU D 33 -20.32 -10.34 -8.35
CA LEU D 33 -19.73 -9.02 -8.47
C LEU D 33 -18.23 -9.09 -8.70
N ALA D 34 -17.74 -8.27 -9.65
CA ALA D 34 -16.33 -8.18 -9.96
C ALA D 34 -15.83 -6.76 -9.77
N TRP D 35 -14.58 -6.64 -9.31
CA TRP D 35 -13.91 -5.35 -9.15
C TRP D 35 -12.84 -5.20 -10.22
N TYR D 36 -12.83 -4.05 -10.89
CA TYR D 36 -11.90 -3.80 -11.99
C TYR D 36 -11.07 -2.55 -11.73
N GLN D 37 -9.78 -2.62 -12.05
CA GLN D 37 -8.87 -1.48 -11.94
C GLN D 37 -8.50 -0.96 -13.33
N GLN D 38 -8.57 0.36 -13.53
CA GLN D 38 -8.25 0.96 -14.81
C GLN D 38 -7.27 2.10 -14.57
N LYS D 39 -6.00 1.84 -14.86
CA LYS D 39 -5.01 2.90 -14.91
C LYS D 39 -5.24 3.73 -16.17
N PRO D 40 -4.83 5.00 -16.17
CA PRO D 40 -5.20 5.89 -17.27
C PRO D 40 -4.59 5.44 -18.58
N GLY D 41 -5.38 5.60 -19.65
CA GLY D 41 -4.97 5.15 -20.97
C GLY D 41 -4.60 3.68 -20.99
N LYS D 42 -5.58 2.83 -20.74
CA LYS D 42 -5.39 1.40 -20.57
C LYS D 42 -6.77 0.77 -20.49
N ALA D 43 -6.85 -0.50 -20.88
CA ALA D 43 -8.06 -1.26 -20.61
C ALA D 43 -8.15 -1.57 -19.12
N PRO D 44 -9.35 -1.80 -18.61
CA PRO D 44 -9.48 -2.21 -17.21
C PRO D 44 -8.87 -3.59 -17.00
N LYS D 45 -8.50 -3.84 -15.75
CA LYS D 45 -7.90 -5.10 -15.33
C LYS D 45 -8.79 -5.70 -14.28
N LEU D 46 -9.09 -6.99 -14.44
CA LEU D 46 -9.93 -7.67 -13.48
C LEU D 46 -9.11 -8.03 -12.26
N LEU D 47 -9.60 -7.61 -11.10
CA LEU D 47 -8.95 -7.86 -9.83
C LEU D 47 -9.63 -8.93 -9.01
N ILE D 48 -10.95 -8.87 -8.93
CA ILE D 48 -11.73 -9.67 -7.99
C ILE D 48 -13.03 -10.05 -8.68
N PHE D 49 -13.42 -11.31 -8.51
CA PHE D 49 -14.67 -11.86 -9.01
C PHE D 49 -15.24 -12.78 -7.93
N ALA D 50 -16.53 -13.12 -8.08
CA ALA D 50 -17.28 -13.79 -7.04
C ALA D 50 -17.30 -12.96 -5.76
N ALA D 51 -17.00 -11.67 -5.91
CA ALA D 51 -17.09 -10.63 -4.89
C ALA D 51 -16.02 -10.72 -3.79
N SER D 52 -15.29 -11.83 -3.72
CA SER D 52 -14.25 -11.99 -2.72
C SER D 52 -12.99 -12.67 -3.21
N THR D 53 -13.04 -13.46 -4.28
CA THR D 53 -11.89 -14.25 -4.67
C THR D 53 -10.95 -13.42 -5.55
N LEU D 54 -9.67 -13.70 -5.41
CA LEU D 54 -8.64 -12.91 -6.08
C LEU D 54 -8.31 -13.55 -7.43
N GLN D 55 -8.37 -12.73 -8.48
CA GLN D 55 -7.93 -13.15 -9.81
C GLN D 55 -6.43 -13.47 -9.79
N SER D 56 -6.00 -14.29 -10.75
CA SER D 56 -4.60 -14.65 -10.85
C SER D 56 -3.78 -13.51 -11.45
N GLY D 57 -2.59 -13.30 -10.91
CA GLY D 57 -1.74 -12.22 -11.35
C GLY D 57 -1.98 -10.90 -10.67
N VAL D 58 -2.71 -10.88 -9.56
CA VAL D 58 -3.09 -9.64 -8.89
C VAL D 58 -2.45 -9.58 -7.50
N PRO D 59 -1.93 -8.42 -7.09
CA PRO D 59 -1.35 -8.29 -5.75
C PRO D 59 -2.33 -8.61 -4.64
N SER D 60 -1.81 -9.21 -3.58
CA SER D 60 -2.62 -9.72 -2.48
C SER D 60 -3.11 -8.64 -1.52
N ARG D 61 -2.68 -7.38 -1.68
CA ARG D 61 -3.20 -6.32 -0.82
C ARG D 61 -4.60 -5.89 -1.21
N PHE D 62 -5.29 -6.68 -2.03
CA PHE D 62 -6.62 -6.35 -2.50
C PHE D 62 -7.64 -7.27 -1.85
N SER D 63 -8.43 -6.72 -0.93
CA SER D 63 -9.45 -7.49 -0.24
C SER D 63 -10.74 -7.40 -1.05
N GLY D 64 -11.14 -8.53 -1.62
CA GLY D 64 -12.50 -8.68 -2.08
C GLY D 64 -13.41 -8.97 -0.90
N SER D 65 -14.26 -8.01 -0.57
CA SER D 65 -15.14 -8.14 0.58
C SER D 65 -16.52 -7.64 0.17
N GLY D 66 -17.45 -7.69 1.11
CA GLY D 66 -18.86 -7.49 0.84
C GLY D 66 -19.57 -8.78 0.47
N SER D 67 -20.90 -8.73 0.55
CA SER D 67 -21.79 -9.81 0.08
C SER D 67 -23.23 -9.36 0.20
N GLY D 68 -24.11 -9.95 -0.61
CA GLY D 68 -25.50 -9.55 -0.54
C GLY D 68 -25.80 -8.38 -1.45
N THR D 69 -25.80 -7.18 -0.87
CA THR D 69 -26.10 -5.98 -1.66
C THR D 69 -25.14 -4.82 -1.38
N ASP D 70 -24.19 -4.99 -0.46
CA ASP D 70 -23.15 -3.98 -0.19
C ASP D 70 -21.79 -4.65 -0.13
N PHE D 71 -20.85 -4.11 -0.92
CA PHE D 71 -19.53 -4.69 -1.05
C PHE D 71 -18.49 -3.58 -0.95
N THR D 72 -17.28 -3.96 -0.55
CA THR D 72 -16.16 -3.03 -0.46
C THR D 72 -14.91 -3.66 -1.05
N LEU D 73 -14.23 -2.89 -1.89
CA LEU D 73 -12.86 -3.18 -2.26
C LEU D 73 -11.99 -2.51 -1.22
N THR D 74 -11.13 -3.28 -0.57
CA THR D 74 -10.20 -2.72 0.41
C THR D 74 -8.80 -3.04 -0.08
N ILE D 75 -8.06 -2.00 -0.40
CA ILE D 75 -6.63 -2.12 -0.62
C ILE D 75 -5.95 -1.66 0.66
N SER D 76 -5.05 -2.50 1.19
CA SER D 76 -4.53 -2.34 2.54
C SER D 76 -3.21 -1.59 2.57
N SER D 77 -2.19 -2.10 1.88
CA SER D 77 -0.86 -1.49 1.90
C SER D 77 -0.72 -0.63 0.65
N LEU D 78 -1.33 0.56 0.69
CA LEU D 78 -1.48 1.37 -0.52
C LEU D 78 -0.12 1.65 -1.16
N GLN D 79 -0.12 1.80 -2.47
CA GLN D 79 1.12 1.87 -3.24
C GLN D 79 1.00 2.96 -4.31
N PRO D 80 2.14 3.56 -4.70
CA PRO D 80 2.08 4.64 -5.71
C PRO D 80 1.45 4.23 -7.04
N GLU D 81 1.73 3.01 -7.51
CA GLU D 81 1.20 2.55 -8.79
C GLU D 81 -0.30 2.33 -8.77
N ASP D 82 -0.87 2.17 -7.59
CA ASP D 82 -2.27 1.80 -7.45
C ASP D 82 -3.18 3.02 -7.65
N PHE D 83 -2.64 4.06 -8.26
CA PHE D 83 -3.46 5.15 -8.75
C PHE D 83 -4.18 4.71 -10.01
N ALA D 84 -5.51 4.74 -9.96
CA ALA D 84 -6.33 4.28 -11.09
C ALA D 84 -7.77 4.67 -10.80
N THR D 85 -8.67 4.22 -11.68
CA THR D 85 -10.10 4.35 -11.48
C THR D 85 -10.66 2.96 -11.25
N TYR D 86 -11.48 2.80 -10.22
CA TYR D 86 -11.91 1.50 -9.75
C TYR D 86 -13.39 1.30 -10.06
N TYR D 87 -13.70 0.18 -10.74
CA TYR D 87 -15.04 -0.14 -11.19
C TYR D 87 -15.50 -1.46 -10.59
N CYS D 88 -16.79 -1.53 -10.29
CA CYS D 88 -17.44 -2.77 -9.92
C CYS D 88 -18.41 -3.17 -11.02
N GLN D 89 -18.68 -4.49 -11.11
CA GLN D 89 -19.53 -5.05 -12.16
C GLN D 89 -20.48 -6.10 -11.62
N HIS D 90 -21.70 -6.14 -12.15
CA HIS D 90 -22.66 -7.23 -11.91
C HIS D 90 -22.31 -8.41 -12.80
N LEU D 91 -21.79 -9.49 -12.19
CA LEU D 91 -21.54 -10.74 -12.91
C LEU D 91 -22.83 -11.54 -13.07
N ASN D 92 -23.67 -11.09 -13.99
CA ASN D 92 -24.98 -11.66 -14.17
C ASN D 92 -24.98 -12.69 -15.30
N SER D 93 -25.83 -13.72 -15.14
CA SER D 93 -25.91 -14.79 -16.13
C SER D 93 -26.74 -14.41 -17.35
N ASN D 94 -27.54 -13.32 -17.25
CA ASN D 94 -28.36 -12.77 -18.32
C ASN D 94 -27.84 -11.41 -18.77
N PRO D 95 -28.03 -11.07 -20.03
CA PRO D 95 -27.07 -10.22 -20.77
C PRO D 95 -26.74 -8.88 -20.13
N PRO D 96 -27.73 -8.04 -19.76
CA PRO D 96 -27.40 -6.60 -19.61
C PRO D 96 -26.49 -6.29 -18.42
N ILE D 97 -25.15 -6.45 -18.57
CA ILE D 97 -24.21 -6.28 -17.47
C ILE D 97 -23.94 -4.81 -17.19
N THR D 98 -23.76 -4.46 -15.91
CA THR D 98 -23.71 -3.06 -15.48
C THR D 98 -22.50 -2.84 -14.58
N PHE D 99 -21.83 -1.70 -14.78
CA PHE D 99 -20.69 -1.28 -13.96
C PHE D 99 -21.06 -0.07 -13.12
N GLY D 100 -20.40 0.05 -11.98
CA GLY D 100 -20.50 1.27 -11.21
C GLY D 100 -19.95 2.45 -11.98
N GLN D 101 -20.26 3.65 -11.49
CA GLN D 101 -19.70 4.81 -12.18
C GLN D 101 -18.21 5.00 -11.90
N GLY D 102 -17.64 4.25 -10.97
CA GLY D 102 -16.19 4.29 -10.81
C GLY D 102 -15.74 5.25 -9.73
N THR D 103 -14.59 4.93 -9.12
CA THR D 103 -13.94 5.78 -8.13
C THR D 103 -12.53 6.13 -8.61
N ARG D 104 -12.21 7.43 -8.58
CA ARG D 104 -10.88 7.92 -8.90
C ARG D 104 -10.05 7.98 -7.62
N LEU D 105 -8.94 7.24 -7.60
CA LEU D 105 -8.09 7.11 -6.42
C LEU D 105 -6.81 7.89 -6.63
N GLU D 106 -6.63 8.99 -5.89
CA GLU D 106 -5.45 9.86 -6.00
C GLU D 106 -4.52 9.67 -4.81
N ILE D 107 -3.23 9.58 -5.11
CA ILE D 107 -2.22 9.32 -4.08
C ILE D 107 -1.80 10.64 -3.42
N LYS D 108 -1.73 10.63 -2.09
CA LYS D 108 -1.22 11.79 -1.35
C LYS D 108 0.27 11.59 -1.09
N ARG D 109 1.02 12.67 -1.19
CA ARG D 109 2.45 12.63 -0.94
C ARG D 109 2.87 13.97 -0.33
N THR D 110 4.18 14.16 -0.22
CA THR D 110 4.71 15.37 0.38
C THR D 110 4.97 16.41 -0.70
N VAL D 111 4.81 17.69 -0.30
CA VAL D 111 4.89 18.79 -1.24
C VAL D 111 6.21 18.73 -2.01
N ALA D 112 6.11 18.83 -3.32
CA ALA D 112 7.28 18.92 -4.19
C ALA D 112 7.03 20.02 -5.21
N ALA D 113 7.95 21.03 -5.29
CA ALA D 113 7.76 22.21 -6.11
C ALA D 113 8.30 21.97 -7.52
N PRO D 114 7.78 22.66 -8.52
CA PRO D 114 8.07 22.25 -9.90
C PRO D 114 9.33 22.86 -10.47
N SER D 115 10.09 22.05 -11.19
CA SER D 115 11.06 22.60 -12.13
C SER D 115 10.32 23.39 -13.19
N VAL D 116 10.76 24.63 -13.42
CA VAL D 116 10.10 25.52 -14.38
C VAL D 116 11.01 25.74 -15.57
N PHE D 117 10.40 25.79 -16.76
CA PHE D 117 11.12 25.90 -18.01
C PHE D 117 10.25 26.72 -18.96
N ILE D 118 10.88 27.34 -19.95
CA ILE D 118 10.11 28.21 -20.85
C ILE D 118 10.75 28.19 -22.22
N PHE D 119 9.91 28.03 -23.25
CA PHE D 119 10.39 27.69 -24.58
C PHE D 119 9.79 28.68 -25.57
N PRO D 120 10.54 29.71 -25.94
CA PRO D 120 10.09 30.61 -27.01
C PRO D 120 9.76 29.83 -28.27
N PRO D 121 8.91 30.39 -29.15
CA PRO D 121 8.54 29.67 -30.37
C PRO D 121 9.73 29.34 -31.25
N SER D 122 9.44 28.61 -32.33
CA SER D 122 10.46 28.28 -33.32
C SER D 122 10.32 29.21 -34.51
N ASP D 123 11.47 29.62 -35.06
CA ASP D 123 11.46 30.34 -36.33
C ASP D 123 10.67 29.57 -37.36
N GLU D 124 10.83 28.24 -37.35
CA GLU D 124 9.93 27.31 -38.01
C GLU D 124 8.47 27.73 -37.85
N GLN D 125 8.00 27.84 -36.60
CA GLN D 125 6.61 28.21 -36.36
C GLN D 125 6.33 29.65 -36.78
N LEU D 126 7.26 30.56 -36.51
CA LEU D 126 7.03 31.95 -36.85
C LEU D 126 6.82 32.13 -38.35
N LYS D 127 7.58 31.38 -39.16
CA LYS D 127 7.38 31.38 -40.61
C LYS D 127 5.97 30.98 -41.02
N SER D 128 5.17 30.42 -40.11
CA SER D 128 3.79 30.07 -40.42
C SER D 128 2.86 31.27 -40.35
N GLY D 129 2.90 32.01 -39.25
CA GLY D 129 1.98 33.11 -39.05
C GLY D 129 1.51 33.32 -37.63
N THR D 130 1.61 32.31 -36.77
CA THR D 130 1.38 32.48 -35.33
C THR D 130 2.64 32.05 -34.59
N ALA D 131 2.71 32.45 -33.32
CA ALA D 131 3.76 32.00 -32.41
C ALA D 131 3.14 31.40 -31.16
N SER D 132 3.93 30.59 -30.46
CA SER D 132 3.41 29.79 -29.34
C SER D 132 4.49 29.67 -28.28
N VAL D 133 4.43 30.52 -27.28
CA VAL D 133 5.27 30.37 -26.09
C VAL D 133 4.74 29.24 -25.23
N VAL D 134 5.63 28.60 -24.47
CA VAL D 134 5.25 27.40 -23.71
C VAL D 134 5.96 27.39 -22.35
N CYS D 135 5.21 27.52 -21.27
CA CYS D 135 5.75 27.30 -19.94
C CYS D 135 5.49 25.86 -19.52
N LEU D 136 6.31 25.37 -18.57
CA LEU D 136 6.26 23.96 -18.17
C LEU D 136 6.62 23.82 -16.71
N LEU D 137 5.78 23.14 -15.96
CA LEU D 137 5.99 22.88 -14.54
C LEU D 137 6.15 21.37 -14.36
N ASN D 138 7.36 20.94 -13.98
CA ASN D 138 7.71 19.53 -14.03
C ASN D 138 7.74 18.93 -12.64
N ASN D 139 6.99 17.84 -12.47
CA ASN D 139 7.09 16.88 -11.36
C ASN D 139 6.88 17.58 -10.01
N PHE D 140 5.64 17.98 -9.78
CA PHE D 140 5.25 18.63 -8.54
C PHE D 140 4.04 17.94 -7.91
N TYR D 141 3.73 18.37 -6.69
CA TYR D 141 2.56 17.97 -5.95
C TYR D 141 2.36 19.07 -4.92
N PRO D 142 1.13 19.54 -4.68
CA PRO D 142 -0.10 19.06 -5.34
C PRO D 142 -0.43 19.74 -6.67
N ARG D 143 -1.48 19.21 -7.31
CA ARG D 143 -1.98 19.71 -8.60
C ARG D 143 -2.10 21.24 -8.61
N GLU D 144 -2.56 21.82 -7.50
CA GLU D 144 -3.00 23.20 -7.47
C GLU D 144 -1.81 24.14 -7.69
N ALA D 145 -1.73 24.74 -8.88
CA ALA D 145 -0.64 25.66 -9.16
C ALA D 145 -1.13 26.77 -10.07
N LYS D 146 -0.68 27.98 -9.79
CA LYS D 146 -1.01 29.17 -10.55
C LYS D 146 0.11 29.47 -11.54
N VAL D 147 -0.26 29.66 -12.81
CA VAL D 147 0.67 30.05 -13.86
C VAL D 147 0.16 31.35 -14.47
N GLN D 148 0.98 32.40 -14.40
CA GLN D 148 0.61 33.72 -14.89
C GLN D 148 1.55 34.11 -16.02
N TRP D 149 1.01 34.27 -17.23
CA TRP D 149 1.83 34.83 -18.29
C TRP D 149 1.92 36.35 -18.15
N LYS D 150 3.11 36.90 -18.40
CA LYS D 150 3.34 38.34 -18.41
C LYS D 150 4.18 38.72 -19.63
N VAL D 151 3.78 39.80 -20.30
CA VAL D 151 4.34 40.18 -21.58
C VAL D 151 4.71 41.66 -21.51
N ASP D 152 6.00 41.94 -21.25
CA ASP D 152 6.49 43.25 -20.83
C ASP D 152 5.80 43.63 -19.52
N ASN D 153 5.73 42.66 -18.61
CA ASN D 153 5.14 42.75 -17.28
C ASN D 153 3.64 43.03 -17.30
N ALA D 154 3.02 43.06 -18.47
CA ALA D 154 1.57 43.14 -18.59
C ALA D 154 1.00 41.73 -18.59
N LEU D 155 -0.02 41.50 -17.78
CA LEU D 155 -0.61 40.17 -17.61
C LEU D 155 -1.55 39.84 -18.77
N GLN D 156 -1.45 38.60 -19.25
CA GLN D 156 -2.27 38.15 -20.37
C GLN D 156 -3.32 37.16 -19.86
N SER D 157 -4.54 37.30 -20.37
CA SER D 157 -5.60 36.34 -20.11
C SER D 157 -6.30 35.96 -21.41
N GLY D 158 -6.82 34.74 -21.45
CA GLY D 158 -7.62 34.30 -22.57
C GLY D 158 -6.88 33.53 -23.62
N ASN D 159 -5.68 33.99 -24.00
CA ASN D 159 -4.87 33.27 -24.98
C ASN D 159 -4.09 32.11 -24.38
N SER D 160 -3.92 32.10 -23.05
CA SER D 160 -3.31 30.97 -22.34
C SER D 160 -4.18 29.71 -22.45
N GLN D 161 -3.56 28.54 -22.29
CA GLN D 161 -4.29 27.27 -22.31
C GLN D 161 -3.48 26.19 -21.60
N GLU D 162 -3.83 25.88 -20.34
CA GLU D 162 -3.08 24.93 -19.51
C GLU D 162 -3.42 23.47 -19.87
N SER D 163 -2.65 22.54 -19.30
CA SER D 163 -2.85 21.10 -19.53
C SER D 163 -1.97 20.29 -18.57
N VAL D 164 -2.52 19.24 -17.97
CA VAL D 164 -1.90 18.54 -16.85
C VAL D 164 -1.75 17.06 -17.20
N THR D 165 -0.80 16.41 -16.54
CA THR D 165 -0.62 14.99 -16.74
C THR D 165 -1.41 14.21 -15.71
N GLU D 166 -1.48 12.91 -15.92
CA GLU D 166 -1.99 12.01 -14.91
C GLU D 166 -0.93 11.80 -13.84
N GLN D 167 -1.37 11.70 -12.59
CA GLN D 167 -0.47 11.43 -11.48
C GLN D 167 0.47 10.28 -11.84
N ASP D 168 1.75 10.43 -11.53
CA ASP D 168 2.73 9.47 -12.03
C ASP D 168 2.64 8.13 -11.32
N SER D 169 2.78 7.04 -12.09
CA SER D 169 2.70 5.70 -11.51
C SER D 169 3.83 5.42 -10.54
N LYS D 170 5.00 6.06 -10.74
CA LYS D 170 6.23 5.79 -10.00
C LYS D 170 6.41 6.69 -8.79
N ASP D 171 6.06 7.98 -8.91
CA ASP D 171 6.33 8.97 -7.87
C ASP D 171 5.14 9.82 -7.49
N SER D 172 4.03 9.72 -8.22
CA SER D 172 2.79 10.42 -7.88
C SER D 172 2.99 11.94 -7.89
N THR D 173 3.44 12.44 -9.04
CA THR D 173 3.64 13.86 -9.28
C THR D 173 3.01 14.29 -10.60
N TYR D 174 2.38 15.45 -10.59
CA TYR D 174 1.80 16.02 -11.80
C TYR D 174 2.82 16.93 -12.50
N SER D 175 2.54 17.20 -13.79
CA SER D 175 3.33 18.12 -14.62
C SER D 175 2.39 18.97 -15.47
N LEU D 176 2.64 20.27 -15.56
CA LEU D 176 1.71 21.17 -16.19
C LEU D 176 2.34 21.83 -17.41
N SER D 177 1.50 22.22 -18.38
CA SER D 177 1.95 22.82 -19.63
C SER D 177 1.01 23.97 -19.97
N SER D 178 1.50 25.21 -19.91
CA SER D 178 0.73 26.36 -20.36
C SER D 178 1.20 26.75 -21.76
N THR D 179 0.29 27.34 -22.54
CA THR D 179 0.61 27.68 -23.93
C THR D 179 -0.04 29.00 -24.31
N LEU D 180 0.77 30.06 -24.35
CA LEU D 180 0.35 31.38 -24.79
C LEU D 180 0.38 31.41 -26.31
N THR D 181 -0.73 31.76 -26.96
CA THR D 181 -0.76 31.74 -28.43
C THR D 181 -1.15 33.11 -28.97
N LEU D 182 -0.19 33.74 -29.68
CA LEU D 182 -0.36 35.06 -30.25
C LEU D 182 0.01 35.04 -31.73
N SER D 183 -0.69 35.85 -32.51
CA SER D 183 -0.31 36.06 -33.90
C SER D 183 1.07 36.72 -33.95
N LYS D 184 1.76 36.54 -35.09
CA LYS D 184 3.10 37.12 -35.20
C LYS D 184 3.07 38.64 -35.16
N ALA D 185 1.93 39.25 -35.50
CA ALA D 185 1.74 40.68 -35.31
C ALA D 185 1.87 41.02 -33.82
N ASP D 186 0.91 40.56 -33.01
CA ASP D 186 0.94 40.80 -31.56
C ASP D 186 2.22 40.30 -30.92
N TYR D 187 2.91 39.34 -31.55
CA TYR D 187 4.13 38.79 -30.96
C TYR D 187 5.26 39.82 -30.99
N GLU D 188 5.51 40.41 -32.16
CA GLU D 188 6.63 41.34 -32.29
C GLU D 188 6.36 42.67 -31.61
N LYS D 189 5.09 42.99 -31.29
CA LYS D 189 4.79 44.19 -30.51
C LYS D 189 5.35 44.13 -29.04
N HIS D 190 6.13 43.14 -28.60
CA HIS D 190 6.60 43.09 -27.21
C HIS D 190 7.96 42.41 -27.16
N LYS D 191 8.71 42.68 -26.07
CA LYS D 191 10.07 42.19 -25.97
C LYS D 191 10.26 41.10 -24.94
N VAL D 192 9.72 41.27 -23.74
CA VAL D 192 9.93 40.34 -22.63
C VAL D 192 8.73 39.41 -22.49
N TYR D 193 8.97 38.10 -22.49
CA TYR D 193 7.93 37.07 -22.34
C TYR D 193 8.24 36.23 -21.09
N ALA D 194 7.51 36.48 -20.01
CA ALA D 194 7.75 35.80 -18.75
C ALA D 194 6.60 34.87 -18.39
N CYS D 195 6.91 33.94 -17.48
CA CYS D 195 5.95 32.95 -17.01
C CYS D 195 6.14 32.82 -15.51
N GLU D 196 5.14 33.17 -14.72
CA GLU D 196 5.30 33.28 -13.27
C GLU D 196 4.50 32.20 -12.56
N VAL D 197 5.20 31.29 -11.89
CA VAL D 197 4.60 30.12 -11.25
C VAL D 197 4.42 30.37 -9.75
N THR D 198 3.17 30.32 -9.29
CA THR D 198 2.87 30.40 -7.87
C THR D 198 2.50 29.00 -7.41
N HIS D 199 3.26 28.45 -6.48
CA HIS D 199 2.92 27.13 -5.99
C HIS D 199 3.19 27.04 -4.49
N GLN D 200 2.49 26.09 -3.85
CA GLN D 200 2.62 25.89 -2.41
C GLN D 200 4.00 25.39 -2.02
N GLY D 201 4.62 24.58 -2.87
CA GLY D 201 5.99 24.14 -2.64
C GLY D 201 7.06 25.19 -2.91
N LEU D 202 6.68 26.36 -3.43
CA LEU D 202 7.59 27.47 -3.64
C LEU D 202 7.30 28.55 -2.62
N SER D 203 8.35 29.02 -1.94
CA SER D 203 8.15 30.06 -0.94
C SER D 203 7.90 31.42 -1.60
N SER D 204 8.36 31.59 -2.85
CA SER D 204 8.25 32.85 -3.57
C SER D 204 7.99 32.52 -5.04
N PRO D 205 7.01 33.16 -5.67
CA PRO D 205 6.68 32.83 -7.06
C PRO D 205 7.85 32.89 -8.02
N VAL D 206 8.25 31.73 -8.53
CA VAL D 206 9.35 31.64 -9.47
C VAL D 206 8.95 32.24 -10.81
N THR D 207 9.90 32.88 -11.50
CA THR D 207 9.66 33.34 -12.87
C THR D 207 10.73 32.79 -13.78
N LYS D 208 10.36 32.52 -15.02
CA LYS D 208 11.31 32.12 -16.06
C LYS D 208 10.93 32.87 -17.34
N SER D 209 11.88 33.63 -17.90
CA SER D 209 11.57 34.54 -18.99
C SER D 209 12.67 34.51 -20.05
N PHE D 210 12.35 35.10 -21.20
CA PHE D 210 13.32 35.29 -22.26
C PHE D 210 13.07 36.66 -22.90
N ASN D 211 13.87 36.99 -23.90
CA ASN D 211 13.70 38.22 -24.66
C ASN D 211 13.53 37.87 -26.13
N ARG D 212 12.55 38.50 -26.78
CA ARG D 212 12.38 38.24 -28.20
C ARG D 212 13.66 38.57 -28.97
N GLY D 213 14.04 37.68 -29.87
CA GLY D 213 15.22 37.87 -30.71
C GLY D 213 16.51 38.05 -29.95
N GLU D 214 16.87 37.07 -29.12
CA GLU D 214 18.08 37.14 -28.32
C GLU D 214 18.54 35.72 -28.02
N CYS D 215 19.86 35.56 -27.92
CA CYS D 215 20.52 34.28 -27.61
C CYS D 215 20.23 33.20 -28.65
N VAL E 2 -3.44 -15.65 -24.22
CA VAL E 2 -2.45 -14.66 -23.76
C VAL E 2 -2.86 -13.24 -24.17
N GLN E 3 -3.59 -13.07 -25.29
CA GLN E 3 -3.66 -11.73 -25.85
C GLN E 3 -4.92 -11.51 -26.70
N LEU E 4 -5.40 -10.26 -26.67
CA LEU E 4 -6.55 -9.79 -27.44
C LEU E 4 -6.21 -8.44 -28.05
N VAL E 5 -6.26 -8.33 -29.39
CA VAL E 5 -5.72 -7.16 -30.10
C VAL E 5 -6.71 -6.67 -31.14
N GLU E 6 -7.07 -5.39 -31.06
CA GLU E 6 -8.19 -4.82 -31.80
C GLU E 6 -7.72 -3.67 -32.68
N SER E 7 -8.57 -3.34 -33.66
CA SER E 7 -8.23 -2.47 -34.77
C SER E 7 -9.47 -2.17 -35.57
N GLY E 8 -9.58 -0.94 -36.08
CA GLY E 8 -10.61 -0.65 -37.05
C GLY E 8 -11.38 0.62 -36.79
N GLY E 9 -11.01 1.36 -35.75
CA GLY E 9 -11.66 2.60 -35.39
C GLY E 9 -10.98 3.81 -36.02
N GLY E 10 -11.69 4.94 -35.95
CA GLY E 10 -11.15 6.18 -36.46
C GLY E 10 -12.28 7.18 -36.67
N LEU E 11 -11.99 8.16 -37.53
CA LEU E 11 -12.95 9.21 -37.82
C LEU E 11 -13.99 8.69 -38.82
N ILE E 12 -15.23 9.10 -38.63
CA ILE E 12 -16.29 8.77 -39.57
C ILE E 12 -17.46 9.71 -39.33
N GLN E 13 -18.10 10.13 -40.42
CA GLN E 13 -19.19 11.10 -40.35
C GLN E 13 -20.35 10.55 -39.52
N PRO E 14 -21.24 11.44 -39.05
CA PRO E 14 -22.51 10.97 -38.52
C PRO E 14 -23.32 10.30 -39.62
N GLY E 15 -24.06 9.26 -39.23
CA GLY E 15 -24.78 8.43 -40.17
C GLY E 15 -23.91 7.44 -40.91
N GLY E 16 -22.59 7.60 -40.86
CA GLY E 16 -21.69 6.70 -41.56
C GLY E 16 -21.66 5.34 -40.90
N SER E 17 -20.70 4.54 -41.34
CA SER E 17 -20.61 3.17 -40.88
C SER E 17 -19.15 2.78 -40.71
N LEU E 18 -18.93 1.80 -39.84
CA LEU E 18 -17.59 1.44 -39.42
C LEU E 18 -17.63 0.03 -38.83
N ARG E 19 -16.54 -0.73 -39.00
CA ARG E 19 -16.48 -2.10 -38.51
C ARG E 19 -15.18 -2.36 -37.75
N LEU E 20 -15.29 -2.50 -36.44
CA LEU E 20 -14.17 -2.84 -35.60
C LEU E 20 -13.91 -4.34 -35.68
N SER E 21 -12.70 -4.74 -35.29
CA SER E 21 -12.32 -6.14 -35.36
C SER E 21 -11.24 -6.40 -34.31
N CYS E 22 -11.44 -7.47 -33.54
CA CYS E 22 -10.57 -7.78 -32.41
C CYS E 22 -10.17 -9.24 -32.53
N ALA E 23 -8.87 -9.52 -32.56
CA ALA E 23 -8.37 -10.87 -32.81
C ALA E 23 -7.66 -11.40 -31.58
N ALA E 24 -7.67 -12.74 -31.45
CA ALA E 24 -7.44 -13.37 -30.16
C ALA E 24 -6.25 -14.33 -30.16
N SER E 25 -5.56 -14.36 -29.03
CA SER E 25 -4.41 -15.22 -28.78
C SER E 25 -4.59 -15.95 -27.46
N GLY E 26 -4.57 -17.27 -27.52
CA GLY E 26 -4.65 -18.10 -26.33
C GLY E 26 -5.96 -18.80 -26.19
N PHE E 27 -6.99 -18.40 -26.95
CA PHE E 27 -8.32 -18.98 -26.81
C PHE E 27 -9.11 -18.75 -28.10
N ILE E 28 -9.97 -19.71 -28.43
CA ILE E 28 -10.82 -19.58 -29.61
C ILE E 28 -12.04 -18.77 -29.23
N VAL E 29 -12.41 -17.80 -30.07
CA VAL E 29 -13.59 -17.00 -29.74
C VAL E 29 -14.85 -17.81 -29.97
N SER E 30 -14.81 -18.75 -30.91
CA SER E 30 -15.97 -19.57 -31.20
C SER E 30 -16.37 -20.42 -30.00
N ARG E 31 -15.58 -20.37 -28.92
CA ARG E 31 -15.86 -21.14 -27.73
C ARG E 31 -16.24 -20.29 -26.51
N ASN E 32 -16.16 -18.96 -26.58
CA ASN E 32 -16.28 -18.12 -25.38
C ASN E 32 -17.35 -17.06 -25.55
N TYR E 33 -17.87 -16.61 -24.40
CA TYR E 33 -18.75 -15.45 -24.37
C TYR E 33 -17.92 -14.19 -24.59
N MET E 34 -18.19 -13.43 -25.64
CA MET E 34 -17.37 -12.28 -25.94
C MET E 34 -18.22 -11.03 -25.90
N ASN E 35 -17.61 -9.92 -25.45
CA ASN E 35 -18.29 -8.65 -25.21
C ASN E 35 -17.57 -7.50 -25.89
N TRP E 36 -18.35 -6.48 -26.24
CA TRP E 36 -17.86 -5.16 -26.62
C TRP E 36 -18.32 -4.16 -25.57
N VAL E 37 -17.38 -3.56 -24.86
CA VAL E 37 -17.67 -2.52 -23.88
C VAL E 37 -17.04 -1.22 -24.40
N ARG E 38 -17.76 -0.11 -24.29
CA ARG E 38 -17.19 1.15 -24.75
C ARG E 38 -17.06 2.09 -23.57
N GLN E 39 -16.16 3.07 -23.72
CA GLN E 39 -15.94 4.11 -22.73
C GLN E 39 -15.89 5.47 -23.41
N ALA E 40 -16.94 6.28 -23.18
CA ALA E 40 -16.94 7.66 -23.65
C ALA E 40 -15.73 8.38 -23.08
N PRO E 41 -15.30 9.48 -23.69
CA PRO E 41 -14.12 10.20 -23.18
C PRO E 41 -14.34 10.70 -21.77
N GLY E 42 -13.47 10.27 -20.85
CA GLY E 42 -13.53 10.66 -19.46
C GLY E 42 -14.80 10.31 -18.71
N LYS E 43 -15.64 9.50 -19.33
CA LYS E 43 -16.84 8.95 -18.70
C LYS E 43 -16.56 7.53 -18.23
N GLY E 44 -17.59 6.81 -17.85
CA GLY E 44 -17.44 5.47 -17.32
C GLY E 44 -17.53 4.40 -18.37
N LEU E 45 -17.80 3.19 -17.90
CA LEU E 45 -17.92 2.01 -18.74
C LEU E 45 -19.38 1.75 -19.11
N GLU E 46 -19.57 1.23 -20.32
CA GLU E 46 -20.90 1.01 -20.85
C GLU E 46 -20.85 -0.26 -21.69
N TRP E 47 -21.60 -1.29 -21.28
CA TRP E 47 -21.67 -2.52 -22.04
C TRP E 47 -22.44 -2.30 -23.35
N VAL E 48 -22.03 -2.98 -24.41
CA VAL E 48 -22.57 -2.65 -25.73
C VAL E 48 -23.14 -3.86 -26.48
N ALA E 49 -22.46 -5.00 -26.45
CA ALA E 49 -22.97 -6.21 -27.12
C ALA E 49 -22.37 -7.46 -26.49
N LEU E 50 -22.98 -8.60 -26.79
CA LEU E 50 -22.55 -9.89 -26.26
C LEU E 50 -22.88 -11.00 -27.25
N ILE E 51 -21.93 -11.90 -27.46
CA ILE E 51 -22.13 -13.02 -28.36
C ILE E 51 -21.87 -14.31 -27.57
N TYR E 52 -22.84 -15.22 -27.61
CA TYR E 52 -22.69 -16.49 -26.94
C TYR E 52 -21.88 -17.45 -27.81
N SER E 53 -21.34 -18.48 -27.16
CA SER E 53 -20.57 -19.49 -27.88
C SER E 53 -21.42 -20.12 -28.98
N GLY E 54 -22.72 -20.29 -28.72
CA GLY E 54 -23.69 -20.78 -29.67
C GLY E 54 -24.38 -19.67 -30.46
N GLY E 55 -23.78 -18.49 -30.49
CA GLY E 55 -24.12 -17.49 -31.48
C GLY E 55 -25.26 -16.56 -31.15
N SER E 56 -25.89 -16.71 -29.98
CA SER E 56 -27.01 -15.84 -29.60
C SER E 56 -26.48 -14.48 -29.17
N THR E 57 -26.96 -13.41 -29.82
CA THR E 57 -26.45 -12.06 -29.58
C THR E 57 -27.43 -11.22 -28.77
N PHE E 58 -26.88 -10.29 -27.99
CA PHE E 58 -27.64 -9.35 -27.18
C PHE E 58 -26.99 -7.97 -27.21
N TYR E 59 -27.81 -6.92 -27.29
CA TYR E 59 -27.30 -5.56 -27.41
C TYR E 59 -27.90 -4.67 -26.33
N ALA E 60 -27.12 -3.67 -25.91
CA ALA E 60 -27.67 -2.56 -25.15
C ALA E 60 -28.59 -1.71 -26.03
N ASP E 61 -29.63 -1.17 -25.40
CA ASP E 61 -30.66 -0.51 -26.19
C ASP E 61 -30.10 0.66 -26.99
N SER E 62 -29.18 1.40 -26.38
CA SER E 62 -28.57 2.54 -27.03
C SER E 62 -27.95 2.21 -28.38
N VAL E 63 -27.77 0.92 -28.70
CA VAL E 63 -27.16 0.53 -29.97
C VAL E 63 -27.99 -0.50 -30.72
N LYS E 64 -29.14 -0.90 -30.19
CA LYS E 64 -29.91 -1.99 -30.77
C LYS E 64 -30.37 -1.62 -32.18
N GLY E 65 -30.21 -2.58 -33.12
CA GLY E 65 -30.66 -2.38 -34.48
C GLY E 65 -29.72 -1.61 -35.38
N ARG E 66 -28.63 -1.06 -34.85
CA ARG E 66 -27.59 -0.43 -35.65
C ARG E 66 -26.27 -1.19 -35.64
N PHE E 67 -25.88 -1.71 -34.47
CA PHE E 67 -24.70 -2.54 -34.34
C PHE E 67 -25.05 -4.01 -34.56
N THR E 68 -24.08 -4.79 -35.04
CA THR E 68 -24.24 -6.23 -35.23
C THR E 68 -22.92 -6.94 -34.92
N ILE E 69 -22.87 -7.64 -33.78
CA ILE E 69 -21.64 -8.28 -33.33
C ILE E 69 -21.53 -9.65 -34.00
N SER E 70 -20.47 -9.83 -34.80
CA SER E 70 -20.19 -10.99 -35.64
C SER E 70 -19.02 -11.78 -35.07
N ARG E 71 -18.61 -12.84 -35.78
CA ARG E 71 -17.28 -13.40 -35.55
C ARG E 71 -16.88 -14.22 -36.77
N ASP E 72 -15.60 -14.61 -36.83
CA ASP E 72 -15.10 -15.49 -37.87
C ASP E 72 -14.27 -16.59 -37.22
N ASN E 73 -14.82 -17.80 -37.18
CA ASN E 73 -14.14 -18.92 -36.55
C ASN E 73 -12.78 -19.17 -37.19
N SER E 74 -12.68 -18.98 -38.51
CA SER E 74 -11.45 -19.26 -39.24
C SER E 74 -10.32 -18.34 -38.81
N LYS E 75 -10.55 -17.03 -38.92
CA LYS E 75 -9.56 -16.04 -38.50
C LYS E 75 -9.40 -15.96 -36.97
N ASN E 76 -10.25 -16.65 -36.20
CA ASN E 76 -10.31 -16.52 -34.74
C ASN E 76 -10.31 -15.06 -34.34
N THR E 77 -11.38 -14.40 -34.77
CA THR E 77 -11.53 -12.96 -34.63
C THR E 77 -13.01 -12.65 -34.41
N LEU E 78 -13.26 -11.59 -33.65
CA LEU E 78 -14.58 -11.10 -33.35
C LEU E 78 -14.73 -9.70 -33.95
N TYR E 79 -15.91 -9.41 -34.48
CA TYR E 79 -16.16 -8.17 -35.18
C TYR E 79 -17.24 -7.38 -34.44
N LEU E 80 -17.38 -6.09 -34.80
CA LEU E 80 -18.50 -5.28 -34.33
C LEU E 80 -18.85 -4.27 -35.42
N GLN E 81 -19.81 -4.62 -36.24
CA GLN E 81 -20.22 -3.74 -37.34
C GLN E 81 -21.15 -2.66 -36.80
N MET E 82 -20.88 -1.40 -37.13
CA MET E 82 -21.62 -0.26 -36.58
C MET E 82 -22.18 0.60 -37.71
N ASN E 83 -23.50 0.64 -37.86
CA ASN E 83 -24.15 1.45 -38.88
C ASN E 83 -24.91 2.59 -38.21
N SER E 84 -25.58 3.40 -39.05
CA SER E 84 -26.46 4.47 -38.59
C SER E 84 -25.79 5.28 -37.48
N LEU E 85 -24.49 5.52 -37.63
CA LEU E 85 -23.62 5.93 -36.53
C LEU E 85 -24.01 7.31 -36.03
N ARG E 86 -24.68 7.35 -34.89
CA ARG E 86 -24.97 8.62 -34.26
C ARG E 86 -23.68 9.18 -33.67
N ALA E 87 -23.73 10.46 -33.27
CA ALA E 87 -22.52 11.13 -32.81
C ALA E 87 -22.17 10.79 -31.35
N GLU E 88 -23.16 10.46 -30.53
CA GLU E 88 -22.92 10.06 -29.14
C GLU E 88 -22.11 8.76 -29.02
N ASP E 89 -21.91 8.03 -30.12
CA ASP E 89 -21.17 6.76 -30.10
C ASP E 89 -19.66 6.96 -30.02
N THR E 90 -19.20 8.20 -29.87
CA THR E 90 -17.77 8.45 -29.80
C THR E 90 -17.21 7.91 -28.49
N ALA E 91 -16.26 6.99 -28.60
CA ALA E 91 -15.70 6.38 -27.40
C ALA E 91 -14.54 5.46 -27.78
N VAL E 92 -13.82 5.02 -26.76
CA VAL E 92 -12.92 3.89 -26.89
C VAL E 92 -13.74 2.62 -26.87
N TYR E 93 -13.46 1.72 -27.79
CA TYR E 93 -14.19 0.45 -27.85
C TYR E 93 -13.25 -0.69 -27.44
N TYR E 94 -13.65 -1.47 -26.44
CA TYR E 94 -12.89 -2.60 -25.95
C TYR E 94 -13.65 -3.89 -26.24
N CYS E 95 -12.95 -4.89 -26.76
CA CYS E 95 -13.50 -6.24 -26.71
C CYS E 95 -13.03 -6.91 -25.42
N ALA E 96 -13.71 -7.98 -25.03
CA ALA E 96 -13.34 -8.68 -23.80
C ALA E 96 -13.82 -10.12 -23.81
N ARG E 97 -12.99 -11.02 -23.32
CA ARG E 97 -13.39 -12.39 -23.06
C ARG E 97 -14.12 -12.44 -21.74
N ASP E 98 -15.21 -13.20 -21.70
CA ASP E 98 -16.12 -13.26 -20.57
C ASP E 98 -16.19 -14.69 -20.05
N LEU E 99 -16.01 -14.86 -18.74
CA LEU E 99 -16.25 -16.13 -18.03
C LEU E 99 -17.34 -15.81 -17.02
N VAL E 100 -18.60 -15.88 -17.44
CA VAL E 100 -19.67 -15.04 -16.90
C VAL E 100 -19.63 -14.84 -15.39
N VAL E 101 -19.53 -15.93 -14.63
CA VAL E 101 -19.52 -15.80 -13.17
C VAL E 101 -18.13 -15.46 -12.64
N TYR E 102 -17.09 -15.59 -13.46
CA TYR E 102 -15.71 -15.33 -13.09
C TYR E 102 -15.18 -14.00 -13.66
N GLY E 103 -16.04 -13.19 -14.27
CA GLY E 103 -15.65 -11.89 -14.75
C GLY E 103 -15.01 -11.93 -16.13
N LEU E 104 -14.78 -10.71 -16.64
CA LEU E 104 -14.04 -10.47 -17.88
C LEU E 104 -12.56 -10.43 -17.53
N ASP E 105 -11.85 -11.51 -17.82
CA ASP E 105 -10.47 -11.66 -17.37
C ASP E 105 -9.45 -11.07 -18.33
N TYR E 106 -9.71 -11.14 -19.63
CA TYR E 106 -8.82 -10.61 -20.66
C TYR E 106 -9.53 -9.50 -21.44
N TRP E 107 -8.80 -8.44 -21.77
CA TRP E 107 -9.36 -7.31 -22.49
C TRP E 107 -8.46 -6.95 -23.65
N GLY E 108 -9.03 -6.29 -24.65
CA GLY E 108 -8.25 -5.65 -25.69
C GLY E 108 -7.55 -4.40 -25.16
N GLN E 109 -6.96 -3.64 -26.08
CA GLN E 109 -6.21 -2.44 -25.70
C GLN E 109 -6.99 -1.17 -25.92
N GLY E 110 -8.02 -1.21 -26.75
CA GLY E 110 -8.82 -0.05 -27.04
C GLY E 110 -8.69 0.34 -28.50
N THR E 111 -9.75 0.90 -29.07
CA THR E 111 -9.66 1.62 -30.33
C THR E 111 -10.65 2.78 -30.23
N LEU E 112 -10.29 3.92 -30.82
CA LEU E 112 -11.08 5.14 -30.68
C LEU E 112 -11.93 5.34 -31.93
N VAL E 113 -13.22 5.10 -31.81
CA VAL E 113 -14.17 5.50 -32.85
C VAL E 113 -14.61 6.91 -32.54
N THR E 114 -14.32 7.82 -33.46
CA THR E 114 -14.65 9.22 -33.27
C THR E 114 -15.53 9.66 -34.43
N VAL E 115 -16.76 10.02 -34.13
CA VAL E 115 -17.77 10.22 -35.16
C VAL E 115 -18.09 11.71 -35.19
N SER E 116 -17.49 12.40 -36.17
CA SER E 116 -17.64 13.84 -36.33
C SER E 116 -17.69 14.18 -37.81
N SER E 117 -18.54 15.15 -38.17
CA SER E 117 -18.64 15.61 -39.55
C SER E 117 -17.40 16.38 -40.01
N ALA E 118 -16.46 16.64 -39.10
CA ALA E 118 -15.23 17.37 -39.41
C ALA E 118 -14.36 16.57 -40.38
N SER E 119 -13.25 17.19 -40.78
CA SER E 119 -12.38 16.66 -41.81
C SER E 119 -11.02 16.31 -41.20
N THR E 120 -10.46 15.19 -41.64
CA THR E 120 -9.15 14.80 -41.17
C THR E 120 -8.12 15.87 -41.50
N LYS E 121 -7.12 16.00 -40.63
CA LYS E 121 -6.10 17.03 -40.79
C LYS E 121 -4.84 16.60 -40.06
N GLY E 122 -3.77 16.36 -40.81
CA GLY E 122 -2.50 16.03 -40.20
C GLY E 122 -1.95 17.19 -39.41
N PRO E 123 -1.03 16.90 -38.48
CA PRO E 123 -0.45 17.96 -37.65
C PRO E 123 0.71 18.67 -38.31
N SER E 124 1.40 19.54 -37.56
CA SER E 124 2.74 19.99 -37.92
C SER E 124 3.57 20.04 -36.66
N VAL E 125 4.85 19.70 -36.76
CA VAL E 125 5.71 19.53 -35.59
C VAL E 125 6.75 20.63 -35.58
N PHE E 126 6.93 21.25 -34.41
CA PHE E 126 7.89 22.31 -34.22
C PHE E 126 8.73 22.01 -32.99
N PRO E 127 10.04 22.19 -33.07
CA PRO E 127 10.90 21.79 -31.94
C PRO E 127 10.85 22.78 -30.80
N LEU E 128 11.27 22.31 -29.63
CA LEU E 128 11.42 23.12 -28.42
C LEU E 128 12.87 23.02 -27.96
N ALA E 129 13.73 23.87 -28.52
CA ALA E 129 15.15 23.77 -28.24
C ALA E 129 15.42 24.06 -26.77
N PRO E 130 16.34 23.33 -26.15
CA PRO E 130 16.54 23.47 -24.69
C PRO E 130 17.20 24.79 -24.34
N SER E 131 17.14 25.13 -23.05
CA SER E 131 17.73 26.37 -22.56
C SER E 131 19.25 26.30 -22.69
N SER E 132 19.79 27.07 -23.65
CA SER E 132 21.24 27.18 -23.81
C SER E 132 21.90 27.69 -22.54
N LYS E 133 21.27 28.66 -21.88
CA LYS E 133 21.83 29.29 -20.67
C LYS E 133 21.43 28.58 -19.36
N GLY E 138 22.47 21.74 -14.81
CA GLY E 138 21.90 20.56 -14.18
C GLY E 138 21.23 19.59 -15.14
N THR E 139 19.92 19.80 -15.34
CA THR E 139 19.12 19.00 -16.26
C THR E 139 18.28 19.94 -17.13
N ALA E 140 18.54 19.95 -18.43
CA ALA E 140 17.92 20.89 -19.36
C ALA E 140 16.82 20.17 -20.13
N ALA E 141 15.61 20.72 -20.07
CA ALA E 141 14.43 20.14 -20.67
C ALA E 141 14.24 20.62 -22.11
N LEU E 142 13.72 19.72 -22.95
CA LEU E 142 13.48 20.00 -24.35
C LEU E 142 12.34 19.12 -24.83
N GLY E 143 11.78 19.46 -25.98
CA GLY E 143 10.67 18.67 -26.49
C GLY E 143 10.14 19.12 -27.84
N CYS E 144 8.94 18.63 -28.14
CA CYS E 144 8.28 18.79 -29.42
C CYS E 144 6.87 19.32 -29.23
N LEU E 145 6.42 20.11 -30.19
CA LEU E 145 5.05 20.60 -30.28
C LEU E 145 4.36 19.92 -31.46
N VAL E 146 3.06 19.71 -31.34
CA VAL E 146 2.26 19.10 -32.41
C VAL E 146 0.97 19.88 -32.48
N LYS E 147 0.80 20.65 -33.55
CA LYS E 147 -0.29 21.62 -33.59
C LYS E 147 -1.27 21.30 -34.69
N ASP E 148 -2.55 21.58 -34.41
CA ASP E 148 -3.60 21.75 -35.41
C ASP E 148 -3.79 20.48 -36.25
N TYR E 149 -4.29 19.44 -35.57
CA TYR E 149 -4.63 18.17 -36.19
C TYR E 149 -6.02 17.71 -35.74
N PHE E 150 -6.46 16.59 -36.34
CA PHE E 150 -7.75 15.99 -36.08
C PHE E 150 -7.87 14.66 -36.81
N PRO E 151 -8.59 13.67 -36.25
CA PRO E 151 -9.10 13.66 -34.89
C PRO E 151 -8.05 13.03 -34.00
N GLU E 152 -8.32 12.89 -32.71
CA GLU E 152 -7.42 12.15 -31.87
C GLU E 152 -7.32 10.71 -32.40
N PRO E 153 -6.23 10.01 -32.10
CA PRO E 153 -5.03 10.43 -31.39
C PRO E 153 -3.79 10.45 -32.26
N VAL E 154 -2.70 10.86 -31.64
CA VAL E 154 -1.38 10.84 -32.26
C VAL E 154 -0.43 10.10 -31.33
N THR E 155 0.53 9.38 -31.92
CA THR E 155 1.51 8.65 -31.13
C THR E 155 2.84 9.38 -31.21
N VAL E 156 3.51 9.46 -30.06
CA VAL E 156 4.71 10.27 -29.90
C VAL E 156 5.77 9.44 -29.18
N SER E 157 6.97 9.37 -29.77
CA SER E 157 8.08 8.60 -29.21
C SER E 157 9.37 9.37 -29.37
N TRP E 158 10.31 9.10 -28.45
CA TRP E 158 11.60 9.79 -28.39
C TRP E 158 12.72 8.83 -28.73
N ASN E 159 13.40 9.08 -29.85
CA ASN E 159 14.43 8.18 -30.39
C ASN E 159 13.87 6.78 -30.64
N SER E 160 12.63 6.74 -31.14
CA SER E 160 11.96 5.52 -31.59
C SER E 160 11.83 4.48 -30.48
N GLY E 161 11.56 4.93 -29.25
CA GLY E 161 11.43 4.05 -28.11
C GLY E 161 12.65 3.98 -27.21
N ALA E 162 13.75 4.66 -27.59
CA ALA E 162 14.96 4.65 -26.76
C ALA E 162 14.75 5.43 -25.47
N LEU E 163 14.46 6.73 -25.59
CA LEU E 163 14.29 7.58 -24.42
C LEU E 163 12.88 7.40 -23.86
N THR E 164 12.79 6.92 -22.62
CA THR E 164 11.52 6.61 -22.00
C THR E 164 11.37 7.13 -20.59
N SER E 165 12.46 7.35 -19.87
CA SER E 165 12.36 7.89 -18.51
C SER E 165 12.39 9.42 -18.57
N GLY E 166 11.72 10.04 -17.60
CA GLY E 166 11.62 11.49 -17.53
C GLY E 166 10.87 12.16 -18.66
N VAL E 167 10.30 11.39 -19.61
CA VAL E 167 9.44 11.92 -20.66
C VAL E 167 8.03 12.11 -20.11
N HIS E 168 7.37 13.15 -20.59
CA HIS E 168 5.97 13.41 -20.30
C HIS E 168 5.34 13.86 -21.62
N THR E 169 4.29 13.16 -22.07
CA THR E 169 3.51 13.63 -23.21
C THR E 169 2.15 14.11 -22.72
N PHE E 170 1.73 15.23 -23.23
CA PHE E 170 0.62 15.88 -22.56
C PHE E 170 -0.69 15.56 -23.25
N PRO E 171 -1.79 15.63 -22.49
CA PRO E 171 -3.13 15.51 -23.09
C PRO E 171 -3.36 16.55 -24.16
N ALA E 172 -3.89 16.10 -25.29
CA ALA E 172 -4.26 17.05 -26.33
C ALA E 172 -5.29 18.05 -25.79
N VAL E 173 -5.11 19.32 -26.15
CA VAL E 173 -6.10 20.34 -25.86
C VAL E 173 -6.78 20.73 -27.16
N LEU E 174 -8.03 21.17 -27.07
CA LEU E 174 -8.84 21.47 -28.25
C LEU E 174 -8.94 22.99 -28.40
N GLN E 175 -8.13 23.55 -29.30
CA GLN E 175 -8.15 25.00 -29.51
C GLN E 175 -9.49 25.45 -30.06
N SER E 176 -9.76 26.75 -29.97
CA SER E 176 -11.02 27.28 -30.48
C SER E 176 -11.20 27.01 -31.98
N SER E 177 -10.12 26.66 -32.67
CA SER E 177 -10.14 26.31 -34.08
C SER E 177 -10.63 24.90 -34.33
N GLY E 178 -11.26 24.27 -33.35
CA GLY E 178 -11.67 22.88 -33.46
C GLY E 178 -10.57 21.87 -33.74
N LEU E 179 -9.31 22.22 -33.44
CA LEU E 179 -8.18 21.37 -33.76
C LEU E 179 -7.35 21.09 -32.53
N TYR E 180 -6.90 19.85 -32.41
CA TYR E 180 -6.12 19.44 -31.25
C TYR E 180 -4.67 19.92 -31.39
N SER E 181 -3.99 20.00 -30.25
CA SER E 181 -2.57 20.33 -30.24
C SER E 181 -2.00 19.94 -28.88
N LEU E 182 -1.01 19.07 -28.89
CA LEU E 182 -0.34 18.64 -27.67
C LEU E 182 1.17 18.77 -27.89
N SER E 183 1.92 18.43 -26.84
CA SER E 183 3.35 18.74 -26.76
C SER E 183 4.03 17.75 -25.82
N SER E 184 5.11 17.13 -26.31
CA SER E 184 5.88 16.17 -25.52
C SER E 184 7.23 16.77 -25.17
N VAL E 185 7.75 16.37 -24.01
CA VAL E 185 8.96 16.92 -23.44
C VAL E 185 9.74 15.80 -22.75
N VAL E 186 11.04 16.05 -22.56
CA VAL E 186 11.88 15.18 -21.75
C VAL E 186 12.92 16.04 -21.07
N THR E 187 13.31 15.63 -19.86
CA THR E 187 14.45 16.20 -19.16
C THR E 187 15.65 15.29 -19.35
N VAL E 188 16.75 15.85 -19.85
CA VAL E 188 18.00 15.12 -20.09
C VAL E 188 19.11 15.88 -19.39
N PRO E 189 20.25 15.24 -19.14
CA PRO E 189 21.39 15.97 -18.54
C PRO E 189 21.87 17.08 -19.45
N SER E 190 22.23 18.22 -18.84
CA SER E 190 22.82 19.32 -19.59
C SER E 190 24.10 18.91 -20.31
N SER E 191 24.74 17.82 -19.87
CA SER E 191 26.00 17.34 -20.39
C SER E 191 25.84 16.43 -21.60
N SER E 192 24.73 16.56 -22.33
CA SER E 192 24.49 15.67 -23.45
C SER E 192 23.88 16.40 -24.64
N LEU E 193 23.72 17.73 -24.55
CA LEU E 193 22.94 18.46 -25.53
C LEU E 193 23.70 18.71 -26.83
N GLY E 194 25.04 18.65 -26.80
CA GLY E 194 25.82 18.92 -27.99
C GLY E 194 26.24 17.67 -28.74
N THR E 195 26.42 16.57 -28.00
CA THR E 195 26.84 15.29 -28.58
C THR E 195 25.65 14.40 -28.93
N GLN E 196 24.80 14.12 -27.94
CA GLN E 196 23.63 13.26 -28.14
C GLN E 196 22.60 13.95 -29.03
N THR E 197 22.07 13.22 -30.02
CA THR E 197 21.10 13.77 -30.96
C THR E 197 19.71 13.28 -30.56
N TYR E 198 18.78 14.22 -30.38
CA TYR E 198 17.41 13.97 -29.93
C TYR E 198 16.43 14.30 -31.06
N ILE E 199 15.52 13.38 -31.34
CA ILE E 199 14.46 13.62 -32.32
C ILE E 199 13.20 12.87 -31.88
N CYS E 200 12.05 13.53 -31.96
CA CYS E 200 10.77 12.92 -31.62
C CYS E 200 10.07 12.38 -32.86
N ASN E 201 9.35 11.28 -32.67
CA ASN E 201 8.62 10.61 -33.74
C ASN E 201 7.12 10.79 -33.49
N VAL E 202 6.41 11.24 -34.52
CA VAL E 202 4.98 11.51 -34.45
C VAL E 202 4.29 10.67 -35.53
N ASN E 203 3.50 9.71 -35.09
CA ASN E 203 2.60 9.02 -35.99
C ASN E 203 1.23 9.65 -35.80
N HIS E 204 0.54 9.91 -36.91
CA HIS E 204 -0.87 10.27 -36.95
C HIS E 204 -1.53 9.35 -37.96
N LYS E 205 -1.93 8.17 -37.49
CA LYS E 205 -2.66 7.22 -38.36
C LYS E 205 -3.88 7.83 -39.04
N PRO E 206 -4.73 8.64 -38.38
CA PRO E 206 -5.97 9.08 -39.04
C PRO E 206 -5.77 9.77 -40.37
N SER E 207 -4.58 10.36 -40.59
CA SER E 207 -4.25 11.08 -41.83
C SER E 207 -3.06 10.48 -42.57
N ASN E 208 -2.50 9.37 -42.10
CA ASN E 208 -1.29 8.75 -42.67
C ASN E 208 -0.12 9.74 -42.64
N THR E 209 0.10 10.33 -41.47
CA THR E 209 1.06 11.41 -41.30
C THR E 209 2.11 11.01 -40.26
N LYS E 210 3.15 10.32 -40.74
CA LYS E 210 4.29 9.96 -39.92
C LYS E 210 5.41 10.95 -40.21
N VAL E 211 5.93 11.58 -39.15
CA VAL E 211 6.81 12.74 -39.30
C VAL E 211 7.81 12.77 -38.15
N ASP E 212 9.09 13.04 -38.48
CA ASP E 212 10.20 13.10 -37.53
C ASP E 212 10.91 14.45 -37.67
N LYS E 213 11.41 14.98 -36.54
CA LYS E 213 12.02 16.32 -36.54
C LYS E 213 12.99 16.45 -35.37
N ARG E 214 14.18 17.00 -35.63
CA ARG E 214 15.26 17.05 -34.66
C ARG E 214 15.20 18.33 -33.82
N VAL E 215 15.75 18.24 -32.61
CA VAL E 215 15.69 19.31 -31.61
C VAL E 215 17.12 19.70 -31.25
N GLU E 216 17.55 20.89 -31.67
CA GLU E 216 18.89 21.39 -31.45
C GLU E 216 18.83 22.82 -30.95
N PRO E 217 19.79 23.23 -30.08
CA PRO E 217 19.89 24.59 -29.55
C PRO E 217 20.31 25.63 -30.60
N ASN F 14 -58.96 -43.82 -18.14
CA ASN F 14 -58.51 -43.46 -16.79
C ASN F 14 -57.85 -42.08 -16.73
N LEU F 15 -57.66 -41.58 -15.50
CA LEU F 15 -57.06 -40.27 -15.32
C LEU F 15 -55.55 -40.34 -15.45
N CYS F 16 -54.94 -39.16 -15.65
CA CYS F 16 -53.51 -38.97 -15.87
C CYS F 16 -52.79 -38.56 -14.60
N PRO F 17 -51.57 -39.09 -14.38
CA PRO F 17 -50.89 -38.93 -13.08
C PRO F 17 -50.23 -37.56 -12.89
N PHE F 18 -50.98 -36.51 -13.24
CA PHE F 18 -50.47 -35.14 -13.07
C PHE F 18 -50.06 -34.89 -11.63
N ASP F 19 -50.99 -35.06 -10.68
CA ASP F 19 -50.65 -34.87 -9.27
C ASP F 19 -49.36 -35.62 -8.89
N GLU F 20 -49.04 -36.72 -9.59
CA GLU F 20 -47.82 -37.46 -9.30
C GLU F 20 -46.56 -36.78 -9.82
N VAL F 21 -46.70 -35.69 -10.58
CA VAL F 21 -45.58 -34.96 -11.17
C VAL F 21 -45.35 -33.66 -10.41
N PHE F 22 -46.43 -33.11 -9.85
CA PHE F 22 -46.36 -31.83 -9.16
C PHE F 22 -46.13 -32.04 -7.66
N ASN F 23 -47.00 -32.84 -7.00
CA ASN F 23 -46.91 -33.33 -5.62
C ASN F 23 -45.68 -34.28 -5.45
N ALA F 24 -44.89 -34.37 -6.52
CA ALA F 24 -43.65 -35.13 -6.52
C ALA F 24 -42.60 -34.47 -5.64
N THR F 25 -41.76 -35.32 -5.06
CA THR F 25 -40.90 -34.96 -3.92
C THR F 25 -40.03 -33.72 -4.21
N ARG F 26 -39.09 -33.84 -5.14
CA ARG F 26 -38.29 -32.71 -5.60
C ARG F 26 -38.01 -32.90 -7.08
N PHE F 27 -37.53 -31.83 -7.71
CA PHE F 27 -37.35 -31.78 -9.16
C PHE F 27 -35.88 -31.87 -9.54
N ALA F 28 -35.64 -32.25 -10.79
CA ALA F 28 -34.29 -32.31 -11.32
C ALA F 28 -33.77 -30.90 -11.61
N SER F 29 -32.44 -30.79 -11.59
CA SER F 29 -31.79 -29.55 -12.04
C SER F 29 -32.09 -29.33 -13.52
N VAL F 30 -32.21 -28.05 -13.89
CA VAL F 30 -32.74 -27.73 -15.21
C VAL F 30 -31.96 -28.45 -16.31
N TYR F 31 -30.65 -28.60 -16.12
CA TYR F 31 -29.81 -29.16 -17.18
C TYR F 31 -30.11 -30.63 -17.45
N ALA F 32 -30.67 -31.34 -16.47
CA ALA F 32 -30.92 -32.78 -16.56
C ALA F 32 -32.40 -33.05 -16.30
N TRP F 33 -33.26 -32.32 -17.01
CA TRP F 33 -34.69 -32.28 -16.73
C TRP F 33 -35.35 -33.65 -16.82
N ASN F 34 -36.35 -33.86 -15.95
CA ASN F 34 -37.21 -35.04 -15.98
C ASN F 34 -38.21 -34.97 -17.12
N ARG F 35 -38.46 -36.12 -17.75
CA ARG F 35 -39.55 -36.26 -18.70
C ARG F 35 -40.29 -37.52 -18.32
N LYS F 36 -41.53 -37.36 -17.86
CA LYS F 36 -42.46 -38.46 -17.68
C LYS F 36 -43.32 -38.58 -18.93
N ARG F 37 -43.38 -39.80 -19.48
CA ARG F 37 -44.19 -40.09 -20.64
C ARG F 37 -45.63 -40.35 -20.21
N ILE F 38 -46.58 -39.85 -21.00
CA ILE F 38 -48.00 -39.94 -20.67
C ILE F 38 -48.75 -40.53 -21.85
N SER F 39 -49.58 -41.53 -21.58
CA SER F 39 -50.36 -42.18 -22.62
C SER F 39 -51.45 -43.03 -21.96
N ASN F 40 -52.38 -43.49 -22.80
CA ASN F 40 -53.45 -44.42 -22.42
C ASN F 40 -54.17 -43.96 -21.18
N CYS F 41 -54.29 -42.65 -21.01
CA CYS F 41 -55.16 -42.09 -20.00
C CYS F 41 -56.10 -41.13 -20.69
N VAL F 42 -57.06 -40.63 -19.93
CA VAL F 42 -57.90 -39.52 -20.35
C VAL F 42 -57.57 -38.36 -19.44
N ALA F 43 -57.09 -37.27 -20.03
CA ALA F 43 -56.53 -36.18 -19.26
C ALA F 43 -57.63 -35.24 -18.83
N ASP F 44 -57.83 -35.09 -17.53
CA ASP F 44 -58.65 -33.97 -17.08
C ASP F 44 -57.73 -32.76 -17.06
N TYR F 45 -57.74 -32.03 -18.18
CA TYR F 45 -56.95 -30.81 -18.28
C TYR F 45 -57.45 -29.74 -17.31
N SER F 46 -58.73 -29.77 -16.96
CA SER F 46 -59.29 -28.75 -16.09
C SER F 46 -58.58 -28.71 -14.73
N VAL F 47 -57.96 -29.82 -14.32
CA VAL F 47 -57.48 -29.98 -12.95
C VAL F 47 -56.61 -28.82 -12.50
N LEU F 48 -55.88 -28.19 -13.43
CA LEU F 48 -55.08 -27.02 -13.05
C LEU F 48 -55.29 -25.79 -13.93
N TYR F 49 -55.83 -25.92 -15.15
CA TYR F 49 -56.13 -24.71 -15.91
C TYR F 49 -57.30 -23.92 -15.34
N ASN F 50 -58.13 -24.52 -14.48
CA ASN F 50 -59.07 -23.76 -13.68
C ASN F 50 -58.48 -23.25 -12.38
N LEU F 51 -57.35 -23.83 -11.97
CA LEU F 51 -56.54 -23.35 -10.85
C LEU F 51 -55.48 -22.38 -11.32
N ALA F 52 -55.63 -21.82 -12.52
CA ALA F 52 -54.47 -21.20 -13.20
C ALA F 52 -54.15 -19.78 -12.74
N PRO F 53 -55.07 -18.81 -12.71
CA PRO F 53 -54.65 -17.41 -12.69
C PRO F 53 -53.85 -17.02 -11.46
N PHE F 54 -53.72 -17.90 -10.48
CA PHE F 54 -52.75 -17.69 -9.42
C PHE F 54 -51.34 -17.72 -9.98
N PHE F 55 -51.11 -18.55 -11.00
CA PHE F 55 -49.77 -18.94 -11.36
C PHE F 55 -49.57 -18.97 -12.87
N THR F 56 -48.32 -18.77 -13.27
CA THR F 56 -47.92 -18.56 -14.66
C THR F 56 -48.33 -19.74 -15.52
N PHE F 57 -49.22 -19.48 -16.48
CA PHE F 57 -49.71 -20.54 -17.35
C PHE F 57 -49.98 -19.95 -18.72
N LYS F 58 -49.19 -20.36 -19.71
CA LYS F 58 -49.34 -19.90 -21.09
C LYS F 58 -49.19 -21.11 -22.01
N CYS F 59 -50.00 -21.14 -23.06
CA CYS F 59 -50.01 -22.22 -24.03
C CYS F 59 -49.69 -21.68 -25.41
N TYR F 60 -49.21 -22.59 -26.27
CA TYR F 60 -48.78 -22.27 -27.62
C TYR F 60 -49.30 -23.32 -28.58
N GLY F 61 -49.77 -22.88 -29.75
CA GLY F 61 -50.28 -23.78 -30.77
C GLY F 61 -51.57 -24.48 -30.42
N VAL F 62 -52.10 -24.24 -29.21
CA VAL F 62 -53.33 -24.86 -28.69
C VAL F 62 -54.01 -23.80 -27.86
N SER F 63 -55.36 -23.91 -27.74
CA SER F 63 -56.11 -22.91 -26.99
C SER F 63 -56.55 -23.46 -25.64
N PRO F 64 -56.58 -22.63 -24.59
CA PRO F 64 -57.19 -23.05 -23.33
C PRO F 64 -58.69 -23.28 -23.48
N THR F 65 -59.17 -24.33 -22.82
CA THR F 65 -60.54 -24.86 -22.80
C THR F 65 -60.88 -25.64 -24.08
N LYS F 66 -60.05 -25.59 -25.13
CA LYS F 66 -60.20 -26.52 -26.24
C LYS F 66 -59.44 -27.81 -25.97
N LEU F 67 -58.98 -28.00 -24.74
CA LEU F 67 -58.10 -29.08 -24.34
C LEU F 67 -58.86 -30.31 -23.87
N ASN F 68 -59.81 -30.10 -22.96
CA ASN F 68 -60.73 -31.17 -22.59
C ASN F 68 -61.45 -31.74 -23.80
N ASP F 69 -61.42 -31.04 -24.94
CA ASP F 69 -62.09 -31.49 -26.14
C ASP F 69 -61.09 -31.70 -27.28
N LEU F 70 -59.95 -32.32 -26.98
CA LEU F 70 -58.96 -32.64 -28.01
C LEU F 70 -58.21 -33.91 -27.64
N CYS F 71 -57.62 -34.55 -28.67
CA CYS F 71 -56.91 -35.81 -28.54
C CYS F 71 -55.57 -35.78 -29.27
N PHE F 72 -54.52 -36.27 -28.62
CA PHE F 72 -53.19 -36.32 -29.22
C PHE F 72 -52.59 -37.70 -29.05
N THR F 73 -51.60 -38.01 -29.91
CA THR F 73 -50.93 -39.30 -29.90
C THR F 73 -50.22 -39.55 -28.57
N ASN F 74 -49.22 -38.73 -28.25
CA ASN F 74 -48.53 -38.86 -26.98
C ASN F 74 -48.43 -37.49 -26.32
N VAL F 75 -48.23 -37.50 -25.01
CA VAL F 75 -48.12 -36.28 -24.22
C VAL F 75 -46.97 -36.44 -23.24
N TYR F 76 -46.17 -35.40 -23.08
CA TYR F 76 -44.97 -35.46 -22.24
C TYR F 76 -45.05 -34.36 -21.17
N ALA F 77 -44.62 -34.68 -19.96
CA ALA F 77 -44.51 -33.67 -18.90
C ALA F 77 -43.05 -33.58 -18.50
N ASP F 78 -42.39 -32.52 -18.96
CA ASP F 78 -41.03 -32.21 -18.56
C ASP F 78 -41.06 -31.34 -17.31
N SER F 79 -40.14 -31.60 -16.39
CA SER F 79 -40.14 -30.92 -15.09
C SER F 79 -38.72 -30.55 -14.67
N PHE F 80 -38.56 -29.35 -14.11
CA PHE F 80 -37.25 -28.90 -13.63
C PHE F 80 -37.42 -27.66 -12.76
N VAL F 81 -36.30 -27.22 -12.18
CA VAL F 81 -36.24 -26.00 -11.37
C VAL F 81 -35.31 -25.00 -12.05
N ILE F 82 -35.77 -23.74 -12.16
CA ILE F 82 -34.99 -22.61 -12.64
C ILE F 82 -35.34 -21.40 -11.78
N ARG F 83 -34.54 -20.35 -11.88
CA ARG F 83 -34.88 -19.15 -11.12
C ARG F 83 -35.89 -18.32 -11.90
N GLY F 84 -36.64 -17.50 -11.15
CA GLY F 84 -37.80 -16.83 -11.72
C GLY F 84 -37.50 -16.00 -12.96
N ASP F 85 -36.52 -15.10 -12.85
CA ASP F 85 -36.24 -14.18 -13.95
C ASP F 85 -35.88 -14.90 -15.25
N GLU F 86 -35.66 -16.22 -15.18
CA GLU F 86 -35.33 -17.06 -16.31
C GLU F 86 -36.50 -17.86 -16.83
N VAL F 87 -37.71 -17.60 -16.34
CA VAL F 87 -38.82 -18.41 -16.81
C VAL F 87 -39.30 -17.93 -18.18
N ARG F 88 -39.07 -16.65 -18.48
CA ARG F 88 -39.42 -16.12 -19.80
C ARG F 88 -38.73 -16.84 -20.95
N GLN F 89 -37.69 -17.64 -20.70
CA GLN F 89 -37.03 -18.38 -21.77
C GLN F 89 -37.65 -19.74 -22.05
N ILE F 90 -38.60 -20.19 -21.23
CA ILE F 90 -39.31 -21.45 -21.52
C ILE F 90 -40.51 -21.07 -22.38
N ALA F 91 -40.22 -20.91 -23.65
CA ALA F 91 -41.14 -20.40 -24.67
C ALA F 91 -40.45 -20.62 -26.00
N PRO F 92 -41.20 -20.81 -27.09
CA PRO F 92 -40.56 -21.11 -28.36
C PRO F 92 -39.72 -19.93 -28.84
N GLY F 93 -38.54 -20.26 -29.40
CA GLY F 93 -37.68 -19.24 -29.96
C GLY F 93 -37.18 -18.23 -28.94
N GLN F 94 -36.54 -18.73 -27.91
CA GLN F 94 -35.91 -17.85 -26.95
C GLN F 94 -34.40 -18.06 -26.95
N THR F 95 -33.73 -17.10 -26.35
CA THR F 95 -32.30 -17.17 -26.15
C THR F 95 -32.00 -16.76 -24.73
N GLY F 96 -30.78 -17.06 -24.29
CA GLY F 96 -30.44 -16.99 -22.88
C GLY F 96 -29.75 -18.29 -22.51
N ASN F 97 -29.04 -18.35 -21.38
CA ASN F 97 -28.26 -19.56 -21.13
C ASN F 97 -29.14 -20.76 -20.86
N ILE F 98 -30.38 -20.55 -20.42
CA ILE F 98 -31.30 -21.65 -20.19
C ILE F 98 -31.89 -22.13 -21.50
N ALA F 99 -32.49 -21.22 -22.27
CA ALA F 99 -33.10 -21.64 -23.53
C ALA F 99 -32.10 -22.21 -24.52
N ASP F 100 -30.80 -22.15 -24.22
CA ASP F 100 -29.78 -22.49 -25.20
C ASP F 100 -28.92 -23.65 -24.78
N TYR F 101 -28.54 -23.74 -23.51
CA TYR F 101 -27.68 -24.81 -23.01
C TYR F 101 -28.38 -25.75 -22.03
N ASN F 102 -29.65 -25.51 -21.71
CA ASN F 102 -30.32 -26.34 -20.71
C ASN F 102 -31.59 -26.99 -21.22
N TYR F 103 -32.52 -26.24 -21.84
CA TYR F 103 -33.82 -26.79 -22.24
C TYR F 103 -34.43 -25.93 -23.34
N LYS F 104 -34.52 -26.45 -24.57
CA LYS F 104 -34.95 -25.65 -25.72
C LYS F 104 -36.29 -26.15 -26.21
N LEU F 105 -37.29 -25.23 -26.27
CA LEU F 105 -38.50 -25.63 -26.96
C LEU F 105 -38.40 -25.33 -28.46
N PRO F 106 -39.04 -26.13 -29.30
CA PRO F 106 -38.99 -25.89 -30.74
C PRO F 106 -39.78 -24.65 -31.10
N ASP F 107 -39.50 -24.13 -32.30
CA ASP F 107 -40.16 -22.91 -32.73
C ASP F 107 -41.63 -23.13 -33.02
N ASP F 108 -42.02 -24.36 -33.40
CA ASP F 108 -43.39 -24.72 -33.72
C ASP F 108 -44.10 -25.36 -32.54
N PHE F 109 -43.59 -25.14 -31.33
CA PHE F 109 -44.07 -25.83 -30.15
C PHE F 109 -45.56 -25.67 -30.01
N THR F 110 -46.27 -26.79 -29.87
CA THR F 110 -47.66 -26.82 -29.41
C THR F 110 -47.67 -27.51 -28.05
N GLY F 111 -48.24 -26.86 -27.05
CA GLY F 111 -48.17 -27.34 -25.69
C GLY F 111 -48.32 -26.19 -24.71
N CYS F 112 -48.25 -26.52 -23.43
CA CYS F 112 -48.50 -25.55 -22.36
C CYS F 112 -47.35 -25.55 -21.37
N VAL F 113 -47.12 -24.40 -20.76
CA VAL F 113 -46.04 -24.19 -19.79
C VAL F 113 -46.63 -23.71 -18.48
N ILE F 114 -46.25 -24.36 -17.38
CA ILE F 114 -46.82 -24.07 -16.06
C ILE F 114 -45.68 -23.87 -15.08
N ALA F 115 -45.78 -22.82 -14.27
CA ALA F 115 -44.69 -22.52 -13.35
C ALA F 115 -45.21 -21.83 -12.11
N TRP F 116 -44.83 -22.37 -10.94
CA TRP F 116 -45.16 -21.75 -9.67
C TRP F 116 -43.90 -21.49 -8.85
N ASN F 117 -43.95 -20.39 -8.11
CA ASN F 117 -42.89 -20.07 -7.16
C ASN F 117 -42.74 -21.19 -6.14
N SER F 118 -41.53 -21.67 -5.97
CA SER F 118 -41.25 -22.71 -4.99
C SER F 118 -40.25 -22.23 -3.96
N ASN F 119 -40.28 -20.93 -3.64
CA ASN F 119 -39.33 -20.40 -2.67
C ASN F 119 -39.49 -21.07 -1.33
N LYS F 120 -40.73 -21.34 -0.93
CA LYS F 120 -41.04 -22.01 0.32
C LYS F 120 -40.57 -23.46 0.36
N LEU F 121 -40.07 -24.01 -0.76
CA LEU F 121 -39.77 -25.43 -0.87
C LEU F 121 -38.32 -25.75 -1.18
N ASP F 122 -37.61 -24.87 -1.91
CA ASP F 122 -36.28 -25.17 -2.39
C ASP F 122 -35.28 -24.08 -2.03
N SER F 123 -35.58 -23.29 -1.01
CA SER F 123 -34.66 -22.30 -0.46
C SER F 123 -34.28 -22.73 0.94
N LYS F 124 -33.00 -23.07 1.13
CA LYS F 124 -32.40 -23.11 2.45
C LYS F 124 -31.71 -21.77 2.70
N VAL F 125 -31.76 -21.28 3.94
CA VAL F 125 -31.12 -20.00 4.23
C VAL F 125 -29.60 -20.14 4.19
N SER F 126 -29.09 -21.33 4.52
CA SER F 126 -27.69 -21.66 4.28
C SER F 126 -27.35 -21.63 2.79
N GLY F 127 -28.35 -21.79 1.92
CA GLY F 127 -28.16 -21.83 0.48
C GLY F 127 -28.39 -23.20 -0.11
N ASN F 128 -29.30 -23.31 -1.08
CA ASN F 128 -29.57 -24.59 -1.71
C ASN F 128 -28.69 -24.72 -2.96
N TYR F 129 -27.52 -25.36 -2.81
CA TYR F 129 -26.62 -25.59 -3.92
C TYR F 129 -26.87 -26.92 -4.63
N ASN F 130 -28.11 -27.42 -4.58
CA ASN F 130 -28.42 -28.69 -5.22
C ASN F 130 -28.98 -28.50 -6.61
N TYR F 131 -29.44 -27.31 -6.94
CA TYR F 131 -30.06 -27.05 -8.24
C TYR F 131 -29.01 -26.45 -9.18
N LEU F 132 -28.80 -27.10 -10.32
CA LEU F 132 -27.64 -26.85 -11.17
C LEU F 132 -28.06 -26.54 -12.60
N TYR F 133 -27.27 -25.70 -13.27
CA TYR F 133 -27.49 -25.41 -14.68
C TYR F 133 -26.16 -25.36 -15.41
N ARG F 134 -26.18 -25.79 -16.66
CA ARG F 134 -24.99 -25.73 -17.50
C ARG F 134 -24.76 -24.28 -17.93
N LEU F 135 -23.55 -23.81 -17.65
CA LEU F 135 -23.08 -22.46 -17.99
C LEU F 135 -22.31 -22.42 -19.30
N PHE F 136 -21.43 -23.41 -19.54
CA PHE F 136 -20.52 -23.43 -20.67
C PHE F 136 -20.89 -24.55 -21.62
N ARG F 137 -21.08 -24.22 -22.89
CA ARG F 137 -21.39 -25.21 -23.90
C ARG F 137 -21.01 -24.66 -25.26
N LYS F 138 -20.46 -25.53 -26.11
CA LYS F 138 -20.00 -25.08 -27.42
C LYS F 138 -21.17 -24.53 -28.24
N SER F 139 -22.21 -25.34 -28.43
CA SER F 139 -23.31 -24.97 -29.29
C SER F 139 -24.66 -25.06 -28.58
N ASN F 140 -25.65 -24.42 -29.19
CA ASN F 140 -27.01 -24.47 -28.70
C ASN F 140 -27.52 -25.90 -28.67
N LEU F 141 -28.50 -26.14 -27.80
CA LEU F 141 -29.21 -27.41 -27.75
C LEU F 141 -30.24 -27.45 -28.86
N LYS F 142 -30.40 -28.63 -29.45
CA LYS F 142 -31.53 -28.85 -30.33
C LYS F 142 -32.77 -28.92 -29.47
N PRO F 143 -33.95 -28.63 -30.01
CA PRO F 143 -35.15 -28.62 -29.17
C PRO F 143 -35.41 -30.00 -28.58
N PHE F 144 -35.74 -30.02 -27.28
CA PHE F 144 -36.03 -31.24 -26.55
C PHE F 144 -34.82 -32.17 -26.48
N GLU F 145 -33.64 -31.57 -26.33
CA GLU F 145 -32.40 -32.31 -26.16
C GLU F 145 -31.95 -32.17 -24.72
N ARG F 146 -31.21 -33.15 -24.23
CA ARG F 146 -30.67 -33.10 -22.88
C ARG F 146 -29.19 -33.43 -22.89
N ASP F 147 -28.40 -32.55 -22.31
CA ASP F 147 -26.96 -32.76 -22.18
C ASP F 147 -26.70 -33.05 -20.71
N ILE F 148 -26.19 -34.24 -20.43
CA ILE F 148 -25.93 -34.59 -19.04
C ILE F 148 -24.45 -34.52 -18.67
N SER F 149 -23.54 -34.55 -19.64
CA SER F 149 -22.12 -34.71 -19.34
C SER F 149 -21.57 -33.57 -18.49
N THR F 150 -20.69 -33.91 -17.56
CA THR F 150 -19.91 -32.91 -16.84
C THR F 150 -18.45 -32.91 -17.32
N GLU F 151 -18.25 -33.06 -18.64
CA GLU F 151 -16.93 -32.91 -19.24
C GLU F 151 -16.38 -31.50 -19.04
N ILE F 152 -15.05 -31.39 -18.95
CA ILE F 152 -14.43 -30.09 -18.72
C ILE F 152 -14.45 -29.27 -20.00
N TYR F 153 -14.94 -28.04 -19.91
CA TYR F 153 -15.15 -27.22 -21.10
C TYR F 153 -13.85 -26.58 -21.55
N GLN F 154 -13.52 -26.76 -22.83
CA GLN F 154 -12.24 -26.35 -23.40
C GLN F 154 -12.39 -24.97 -24.02
N ALA F 155 -12.03 -23.94 -23.25
CA ALA F 155 -12.18 -22.56 -23.70
C ALA F 155 -11.03 -22.11 -24.58
N GLY F 156 -9.87 -22.76 -24.44
CA GLY F 156 -8.73 -22.49 -25.29
C GLY F 156 -8.47 -23.65 -26.24
N ASN F 157 -7.57 -23.39 -27.20
CA ASN F 157 -7.12 -24.41 -28.14
C ASN F 157 -6.33 -25.52 -27.45
N LYS F 158 -5.77 -25.22 -26.26
CA LYS F 158 -5.00 -26.11 -25.40
C LYS F 158 -5.97 -27.03 -24.64
N PRO F 159 -5.97 -28.33 -24.93
CA PRO F 159 -6.99 -29.23 -24.35
C PRO F 159 -6.84 -29.47 -22.85
N CYS F 160 -7.97 -29.84 -22.24
CA CYS F 160 -8.15 -29.76 -20.79
C CYS F 160 -8.03 -31.09 -20.08
N ASN F 161 -8.77 -32.10 -20.53
CA ASN F 161 -8.64 -33.50 -20.09
C ASN F 161 -8.44 -33.61 -18.57
N GLY F 162 -9.45 -33.14 -17.84
CA GLY F 162 -9.54 -33.41 -16.42
C GLY F 162 -9.18 -32.27 -15.49
N VAL F 163 -8.11 -31.55 -15.81
CA VAL F 163 -7.66 -30.47 -14.94
C VAL F 163 -8.58 -29.27 -15.13
N ALA F 164 -9.24 -28.85 -14.05
CA ALA F 164 -9.94 -27.57 -14.06
C ALA F 164 -8.90 -26.47 -13.92
N GLY F 165 -8.65 -25.73 -15.01
CA GLY F 165 -7.67 -24.67 -14.95
C GLY F 165 -7.98 -23.49 -15.84
N PHE F 166 -7.00 -22.63 -16.11
CA PHE F 166 -7.21 -21.57 -17.08
C PHE F 166 -7.67 -22.18 -18.40
N ASN F 167 -8.73 -21.60 -18.97
CA ASN F 167 -9.34 -22.05 -20.23
C ASN F 167 -9.81 -23.49 -20.15
N CYS F 168 -10.00 -23.99 -18.92
CA CYS F 168 -10.43 -25.37 -18.62
C CYS F 168 -11.49 -25.30 -17.53
N TYR F 169 -12.75 -25.18 -17.93
CA TYR F 169 -13.80 -24.86 -16.99
C TYR F 169 -14.82 -25.99 -16.88
N PHE F 170 -15.10 -26.39 -15.65
CA PHE F 170 -16.22 -27.27 -15.36
C PHE F 170 -17.53 -26.54 -15.64
N PRO F 171 -18.49 -27.19 -16.31
CA PRO F 171 -19.59 -26.46 -16.94
C PRO F 171 -20.89 -26.34 -16.13
N LEU F 172 -20.92 -26.63 -14.83
CA LEU F 172 -22.17 -26.44 -14.11
C LEU F 172 -21.97 -25.49 -12.93
N ARG F 173 -23.03 -24.74 -12.60
CA ARG F 173 -23.07 -23.83 -11.48
C ARG F 173 -24.29 -24.10 -10.61
N SER F 174 -24.13 -24.00 -9.29
CA SER F 174 -25.28 -24.10 -8.41
C SER F 174 -26.12 -22.83 -8.49
N TYR F 175 -27.40 -22.97 -8.23
CA TYR F 175 -28.28 -21.82 -8.29
C TYR F 175 -28.21 -20.96 -7.04
N SER F 176 -27.81 -21.53 -5.91
CA SER F 176 -27.73 -20.79 -4.65
C SER F 176 -29.08 -20.13 -4.32
N PHE F 177 -30.09 -20.96 -4.10
CA PHE F 177 -31.41 -20.45 -3.75
C PHE F 177 -31.47 -20.14 -2.26
N ARG F 178 -31.49 -18.86 -1.94
CA ARG F 178 -31.67 -18.28 -0.62
C ARG F 178 -33.04 -17.63 -0.55
N PRO F 179 -33.77 -17.78 0.57
CA PRO F 179 -35.13 -17.22 0.64
C PRO F 179 -35.16 -15.72 0.74
N THR F 180 -34.06 -15.10 1.16
CA THR F 180 -34.00 -13.64 1.25
C THR F 180 -34.24 -12.98 -0.10
N TYR F 181 -33.80 -13.62 -1.19
CA TYR F 181 -33.56 -12.95 -2.46
C TYR F 181 -34.75 -12.13 -2.95
N GLY F 182 -34.44 -11.12 -3.75
CA GLY F 182 -35.44 -10.55 -4.63
C GLY F 182 -36.04 -11.62 -5.53
N VAL F 183 -37.35 -11.50 -5.77
CA VAL F 183 -38.14 -12.58 -6.36
C VAL F 183 -37.64 -13.03 -7.72
N GLY F 184 -36.92 -12.16 -8.44
CA GLY F 184 -36.30 -12.61 -9.67
C GLY F 184 -35.35 -13.76 -9.46
N HIS F 185 -34.66 -13.78 -8.32
CA HIS F 185 -33.65 -14.79 -8.02
C HIS F 185 -34.21 -16.05 -7.35
N GLN F 186 -35.57 -16.15 -7.10
CA GLN F 186 -36.12 -17.24 -6.29
C GLN F 186 -36.48 -18.46 -7.14
N PRO F 187 -36.41 -19.66 -6.56
CA PRO F 187 -36.68 -20.88 -7.33
C PRO F 187 -38.10 -20.94 -7.87
N TYR F 188 -38.26 -21.64 -8.98
CA TYR F 188 -39.56 -21.88 -9.61
C TYR F 188 -39.60 -23.28 -10.17
N ARG F 189 -40.51 -24.10 -9.67
CA ARG F 189 -40.73 -25.40 -10.27
C ARG F 189 -41.53 -25.22 -11.56
N VAL F 190 -41.14 -25.92 -12.62
CA VAL F 190 -41.75 -25.74 -13.94
C VAL F 190 -42.16 -27.09 -14.52
N VAL F 191 -43.31 -27.13 -15.18
CA VAL F 191 -43.77 -28.34 -15.86
C VAL F 191 -44.24 -27.95 -17.25
N VAL F 192 -43.69 -28.60 -18.27
CA VAL F 192 -43.97 -28.26 -19.67
C VAL F 192 -44.65 -29.44 -20.33
N LEU F 193 -45.90 -29.22 -20.77
CA LEU F 193 -46.71 -30.25 -21.39
C LEU F 193 -46.56 -30.18 -22.90
N SER F 194 -45.99 -31.22 -23.50
CA SER F 194 -45.78 -31.28 -24.94
C SER F 194 -46.91 -32.12 -25.54
N PHE F 195 -47.63 -31.54 -26.51
CA PHE F 195 -48.79 -32.18 -27.12
C PHE F 195 -48.46 -32.61 -28.54
N GLU F 196 -48.31 -33.92 -28.75
CA GLU F 196 -47.75 -34.47 -29.98
C GLU F 196 -48.81 -35.29 -30.70
N LEU F 197 -49.20 -34.84 -31.89
CA LEU F 197 -50.24 -35.48 -32.71
C LEU F 197 -49.52 -36.04 -33.94
N LEU F 198 -49.03 -37.27 -33.81
CA LEU F 198 -48.19 -37.97 -34.78
C LEU F 198 -48.98 -39.04 -35.51
N HIS F 199 -48.31 -39.72 -36.44
CA HIS F 199 -48.97 -40.66 -37.35
C HIS F 199 -49.29 -41.99 -36.66
N ALA F 200 -50.27 -41.97 -35.75
CA ALA F 200 -50.53 -43.07 -34.82
C ALA F 200 -51.88 -42.88 -34.17
N PRO F 201 -52.41 -43.93 -33.53
CA PRO F 201 -53.69 -43.78 -32.82
C PRO F 201 -53.55 -42.92 -31.57
N ALA F 202 -54.58 -42.13 -31.31
CA ALA F 202 -54.59 -41.19 -30.20
C ALA F 202 -54.94 -41.88 -28.89
N THR F 203 -54.22 -41.52 -27.82
CA THR F 203 -54.37 -42.16 -26.53
C THR F 203 -54.46 -41.20 -25.35
N VAL F 204 -54.46 -39.89 -25.60
CA VAL F 204 -54.59 -38.91 -24.53
C VAL F 204 -55.66 -37.90 -24.93
N CYS F 205 -56.79 -37.93 -24.21
CA CYS F 205 -57.95 -37.09 -24.49
C CYS F 205 -58.47 -36.45 -23.21
N GLY F 206 -59.39 -35.50 -23.39
CA GLY F 206 -59.96 -34.76 -22.29
C GLY F 206 -61.27 -35.34 -21.80
N PRO F 207 -61.82 -34.78 -20.72
CA PRO F 207 -63.07 -35.34 -20.16
C PRO F 207 -64.21 -35.37 -21.15
N LYS F 208 -64.43 -34.28 -21.91
CA LYS F 208 -65.49 -34.16 -22.91
C LYS F 208 -65.33 -35.15 -24.09
N LYS F 209 -64.32 -36.03 -24.06
CA LYS F 209 -64.17 -37.07 -25.08
C LYS F 209 -64.01 -38.46 -24.47
S SO4 G . 31.22 15.46 31.46
O1 SO4 G . 31.43 15.72 32.88
O2 SO4 G . 32.50 15.09 30.85
O3 SO4 G . 30.27 14.36 31.28
O4 SO4 G . 30.66 16.66 30.84
S SO4 H . 6.52 1.09 33.42
O1 SO4 H . 5.60 1.32 34.54
O2 SO4 H . 7.89 1.45 33.83
O3 SO4 H . 6.52 -0.32 33.03
O4 SO4 H . 6.10 1.90 32.29
S SO4 I . 27.18 -14.27 30.05
O1 SO4 I . 27.91 -13.87 31.26
O2 SO4 I . 27.97 -15.28 29.33
O3 SO4 I . 27.02 -13.10 29.18
O4 SO4 I . 25.88 -14.86 30.42
S SO4 J . 0.97 -11.20 20.01
O1 SO4 J . 1.84 -10.05 19.75
O2 SO4 J . 1.22 -11.75 21.35
O3 SO4 J . 1.30 -12.20 18.99
O4 SO4 J . -0.44 -10.80 19.89
S SO4 K . -2.20 12.50 5.97
O1 SO4 K . -0.99 11.71 5.68
O2 SO4 K . -2.23 12.83 7.40
O3 SO4 K . -3.39 11.73 5.59
O4 SO4 K . -2.18 13.73 5.20
S SO4 L . 10.02 22.77 8.74
O1 SO4 L . 11.03 22.03 7.97
O2 SO4 L . 10.69 23.82 9.52
O3 SO4 L . 9.28 21.89 9.65
O4 SO4 L . 9.07 23.39 7.82
S SO4 M . 46.20 19.90 34.49
O1 SO4 M . 46.12 21.03 33.55
O2 SO4 M . 47.30 20.17 35.41
O3 SO4 M . 46.42 18.65 33.76
O4 SO4 M . 44.93 19.77 35.23
S SO4 N . -0.48 -3.25 -14.17
O1 SO4 N . 0.49 -3.59 -13.14
O2 SO4 N . 0.16 -2.42 -15.19
O3 SO4 N . -0.98 -4.47 -14.82
O4 SO4 N . -1.61 -2.56 -13.53
S SO4 O . -19.70 11.06 -3.20
O1 SO4 O . -19.84 10.65 -1.79
O2 SO4 O . -18.30 11.40 -3.49
O3 SO4 O . -20.16 9.94 -4.03
O4 SO4 O . -20.55 12.20 -3.50
S SO4 P . -2.75 11.65 -26.87
O1 SO4 P . -2.17 11.93 -25.55
O2 SO4 P . -1.68 11.59 -27.87
O3 SO4 P . -3.46 10.36 -26.82
O4 SO4 P . -3.67 12.72 -27.27
S SO4 Q . -28.12 -12.49 -10.57
O1 SO4 Q . -27.06 -12.61 -11.59
O2 SO4 Q . -27.49 -12.49 -9.25
O3 SO4 Q . -28.97 -13.66 -10.73
O4 SO4 Q . -28.92 -11.29 -10.75
S SO4 R . -23.73 -17.82 -4.40
O1 SO4 R . -24.63 -17.70 -3.26
O2 SO4 R . -22.53 -17.00 -4.17
O3 SO4 R . -24.40 -17.35 -5.62
O4 SO4 R . -23.33 -19.21 -4.58
#